data_3AW9
#
_entry.id   3AW9
#
_cell.length_a   88.623
_cell.length_b   113.644
_cell.length_c   217.267
_cell.angle_alpha   90.000
_cell.angle_beta   90.000
_cell.angle_gamma   90.000
#
_symmetry.space_group_name_H-M   'C 2 2 21'
#
loop_
_entity.id
_entity.type
_entity.pdbx_description
1 polymer 'NAD-dependent epimerase/dehydratase'
2 non-polymer "GALACTOSE-URIDINE-5'-DIPHOSPHATE"
3 non-polymer NICOTINAMIDE-ADENINE-DINUCLEOTIDE
4 water water
#
_entity_poly.entity_id   1
_entity_poly.type   'polypeptide(L)'
_entity_poly.pdbx_seq_one_letter_code
;MRIVVTGGAGFIGSHLVDKLVELGYEVVVVDIVQRDTGGSAELHVRDLKDYSWGAGIKGDVVFHFAANPEVRLSTTEPIV
HFNENVVATFNVLEWARQTGVRTVVFASSSTVYGDADVIPTPEEEPYKPISVYGAAKAAGEVMCATYARLFGVRCLAVRY
ANVVGPRLRHGVIYDFIMKLRRNPNVLEVLGDGTQRKSYLYVRDAVEATLAAWKKFEEMDAPFLALNVGNVDAVRVLDIA
QIVAEVLGLRPEIRLVPSTPDGRGWPGDVKYMTLAVTKLMKLTGWRPTMTSAEAVKKTAEDLAKELWG
;
_entity_poly.pdbx_strand_id   A,B,C
#
loop_
_chem_comp.id
_chem_comp.type
_chem_comp.name
_chem_comp.formula
GDU non-polymer GALACTOSE-URIDINE-5'-DIPHOSPHATE 'C15 H24 N2 O17 P2'
NAD non-polymer NICOTINAMIDE-ADENINE-DINUCLEOTIDE 'C21 H27 N7 O14 P2'
#
# COMPACT_ATOMS: atom_id res chain seq x y z
N MET A 1 5.10 -16.44 -19.41
CA MET A 1 4.07 -17.32 -18.78
C MET A 1 3.75 -16.86 -17.37
N ARG A 2 2.47 -16.66 -17.12
CA ARG A 2 1.98 -16.18 -15.84
C ARG A 2 1.41 -17.35 -15.05
N ILE A 3 1.91 -17.51 -13.83
CA ILE A 3 1.44 -18.51 -12.91
C ILE A 3 0.78 -17.83 -11.71
N VAL A 4 -0.50 -18.14 -11.52
CA VAL A 4 -1.24 -17.76 -10.34
C VAL A 4 -1.10 -18.88 -9.32
N VAL A 5 -0.78 -18.55 -8.08
CA VAL A 5 -0.76 -19.50 -6.95
C VAL A 5 -1.81 -19.03 -5.93
N THR A 6 -2.93 -19.75 -5.81
CA THR A 6 -3.90 -19.45 -4.75
C THR A 6 -3.38 -20.07 -3.47
N GLY A 7 -3.65 -19.42 -2.35
CA GLY A 7 -3.07 -19.79 -1.10
C GLY A 7 -1.57 -19.51 -1.04
N GLY A 8 -1.12 -18.58 -1.89
CA GLY A 8 0.28 -18.25 -2.06
C GLY A 8 1.01 -17.83 -0.82
N ALA A 9 0.27 -17.39 0.20
CA ALA A 9 0.87 -16.87 1.42
C ALA A 9 1.12 -17.97 2.46
N GLY A 10 0.48 -19.12 2.25
CA GLY A 10 0.55 -20.23 3.18
C GLY A 10 1.77 -21.13 3.03
N PHE A 11 1.74 -22.29 3.67
CA PHE A 11 2.91 -23.15 3.81
C PHE A 11 3.47 -23.60 2.48
N ILE A 12 2.83 -24.59 1.84
CA ILE A 12 3.30 -25.09 0.54
C ILE A 12 3.31 -23.99 -0.56
N GLY A 13 2.22 -23.22 -0.65
CA GLY A 13 2.06 -22.14 -1.62
C GLY A 13 3.21 -21.13 -1.67
N SER A 14 3.57 -20.56 -0.52
CA SER A 14 4.72 -19.63 -0.41
C SER A 14 6.04 -20.24 -0.91
N HIS A 15 6.30 -21.48 -0.52
CA HIS A 15 7.45 -22.19 -1.04
C HIS A 15 7.37 -22.31 -2.56
N LEU A 16 6.17 -22.61 -3.05
CA LEU A 16 5.90 -22.71 -4.49
C LEU A 16 6.20 -21.38 -5.15
N VAL A 17 5.75 -20.29 -4.53
CA VAL A 17 5.92 -18.92 -5.02
C VAL A 17 7.41 -18.56 -5.23
N ASP A 18 8.20 -18.67 -4.15
CA ASP A 18 9.65 -18.39 -4.14
C ASP A 18 10.38 -19.15 -5.24
N LYS A 19 10.11 -20.45 -5.32
CA LYS A 19 10.70 -21.29 -6.32
C LYS A 19 10.32 -20.91 -7.76
N LEU A 20 9.09 -20.42 -7.95
CA LEU A 20 8.63 -20.04 -9.29
C LEU A 20 9.26 -18.72 -9.73
N VAL A 21 9.48 -17.81 -8.78
CA VAL A 21 10.13 -16.53 -9.04
C VAL A 21 11.56 -16.78 -9.57
N GLU A 22 12.36 -17.51 -8.79
CA GLU A 22 13.71 -17.96 -9.19
C GLU A 22 13.80 -18.50 -10.60
N LEU A 23 12.94 -19.46 -10.95
CA LEU A 23 12.97 -20.11 -12.27
C LEU A 23 12.56 -19.23 -13.46
N GLY A 24 12.13 -17.99 -13.18
CA GLY A 24 11.82 -17.01 -14.24
C GLY A 24 10.35 -16.66 -14.52
N TYR A 25 9.42 -17.33 -13.84
CA TYR A 25 7.99 -17.13 -14.07
C TYR A 25 7.47 -15.80 -13.50
N GLU A 26 6.49 -15.21 -14.18
CA GLU A 26 5.76 -14.07 -13.65
C GLU A 26 4.71 -14.62 -12.69
N VAL A 27 4.92 -14.38 -11.40
CA VAL A 27 4.15 -15.03 -10.37
C VAL A 27 3.11 -14.08 -9.79
N VAL A 28 1.89 -14.61 -9.66
CA VAL A 28 0.76 -13.93 -9.07
C VAL A 28 0.32 -14.70 -7.81
N VAL A 29 0.32 -14.01 -6.68
CA VAL A 29 -0.07 -14.63 -5.43
C VAL A 29 -1.51 -14.17 -5.11
N VAL A 30 -2.40 -15.13 -4.83
CA VAL A 30 -3.76 -14.81 -4.36
C VAL A 30 -4.02 -15.52 -3.03
N ASP A 31 -4.32 -14.77 -1.99
CA ASP A 31 -4.52 -15.34 -0.69
C ASP A 31 -5.39 -14.40 0.10
N ILE A 32 -6.09 -14.94 1.08
CA ILE A 32 -6.96 -14.15 1.95
C ILE A 32 -6.15 -13.41 3.03
N VAL A 33 -4.90 -13.81 3.24
CA VAL A 33 -4.01 -13.10 4.17
C VAL A 33 -2.85 -12.47 3.40
N GLN A 34 -2.26 -11.44 3.99
CA GLN A 34 -1.11 -10.78 3.37
C GLN A 34 0.18 -11.50 3.69
N ARG A 35 1.06 -11.55 2.71
CA ARG A 35 2.44 -11.95 2.95
C ARG A 35 3.27 -11.03 2.08
N ASP A 36 4.08 -10.20 2.72
CA ASP A 36 4.99 -9.41 1.92
C ASP A 36 6.43 -9.83 2.12
N THR A 37 6.73 -11.06 1.69
CA THR A 37 8.07 -11.39 1.28
C THR A 37 8.27 -10.52 0.04
N GLY A 38 9.52 -10.21 -0.31
CA GLY A 38 9.79 -9.38 -1.48
C GLY A 38 9.59 -10.16 -2.76
N GLY A 39 10.26 -9.74 -3.82
CA GLY A 39 10.25 -10.49 -5.07
C GLY A 39 9.34 -9.91 -6.12
N SER A 40 9.39 -10.52 -7.30
CA SER A 40 8.66 -10.04 -8.48
C SER A 40 7.14 -10.14 -8.27
N ALA A 41 6.73 -11.05 -7.37
CA ALA A 41 5.34 -11.50 -7.24
C ALA A 41 4.28 -10.41 -7.10
N GLU A 42 3.31 -10.44 -8.01
CA GLU A 42 2.17 -9.53 -7.97
C GLU A 42 1.20 -10.06 -6.92
N LEU A 43 0.87 -9.21 -5.95
CA LEU A 43 0.14 -9.64 -4.76
C LEU A 43 -1.34 -9.30 -4.86
N HIS A 44 -2.21 -10.25 -4.49
CA HIS A 44 -3.66 -9.97 -4.39
C HIS A 44 -4.26 -10.60 -3.13
N VAL A 45 -4.99 -9.80 -2.37
CA VAL A 45 -5.83 -10.29 -1.27
C VAL A 45 -7.25 -10.48 -1.80
N ARG A 46 -7.73 -11.74 -1.80
CA ARG A 46 -9.07 -12.12 -2.25
C ARG A 46 -9.58 -13.29 -1.41
N ASP A 47 -10.90 -13.42 -1.33
CA ASP A 47 -11.55 -14.59 -0.74
C ASP A 47 -12.16 -15.42 -1.87
N LEU A 48 -11.59 -16.61 -2.10
CA LEU A 48 -12.06 -17.57 -3.12
C LEU A 48 -13.48 -18.16 -2.92
N LYS A 49 -14.07 -17.96 -1.74
CA LYS A 49 -15.49 -18.29 -1.54
C LYS A 49 -16.36 -17.31 -2.32
N ASP A 50 -15.78 -16.18 -2.72
CA ASP A 50 -16.48 -15.19 -3.53
C ASP A 50 -16.32 -15.57 -4.98
N TYR A 51 -17.44 -15.75 -5.66
CA TYR A 51 -17.42 -16.09 -7.08
C TYR A 51 -16.56 -15.11 -7.87
N SER A 52 -16.63 -13.84 -7.49
CA SER A 52 -15.95 -12.78 -8.23
C SER A 52 -14.51 -12.54 -7.80
N TRP A 53 -13.93 -13.45 -7.00
CA TRP A 53 -12.56 -13.31 -6.46
C TRP A 53 -11.48 -12.95 -7.49
N GLY A 54 -11.64 -13.47 -8.71
CA GLY A 54 -10.56 -13.41 -9.70
C GLY A 54 -10.72 -12.30 -10.70
N ALA A 55 -11.66 -11.40 -10.44
CA ALA A 55 -11.87 -10.20 -11.26
C ALA A 55 -10.54 -9.44 -11.43
N GLY A 56 -10.20 -9.14 -12.68
CA GLY A 56 -8.94 -8.48 -12.98
C GLY A 56 -7.67 -9.26 -12.70
N ILE A 57 -7.78 -10.58 -12.49
CA ILE A 57 -6.60 -11.41 -12.26
C ILE A 57 -6.45 -12.38 -13.43
N LYS A 58 -5.24 -12.48 -13.96
CA LYS A 58 -4.99 -13.14 -15.23
C LYS A 58 -3.78 -14.06 -15.08
N GLY A 59 -3.90 -15.27 -15.60
CA GLY A 59 -2.81 -16.22 -15.58
C GLY A 59 -2.97 -17.27 -16.66
N ASP A 60 -1.87 -17.96 -16.99
CA ASP A 60 -1.95 -19.05 -17.96
C ASP A 60 -2.11 -20.40 -17.31
N VAL A 61 -1.69 -20.46 -16.04
CA VAL A 61 -1.70 -21.67 -15.22
C VAL A 61 -1.99 -21.25 -13.79
N VAL A 62 -2.83 -22.03 -13.11
CA VAL A 62 -3.07 -21.82 -11.68
C VAL A 62 -2.65 -23.02 -10.84
N PHE A 63 -1.87 -22.74 -9.79
CA PHE A 63 -1.66 -23.71 -8.70
C PHE A 63 -2.69 -23.41 -7.61
N HIS A 64 -3.70 -24.25 -7.47
CA HIS A 64 -4.76 -23.97 -6.50
C HIS A 64 -4.50 -24.66 -5.17
N PHE A 65 -4.02 -23.85 -4.23
CA PHE A 65 -3.51 -24.33 -2.95
C PHE A 65 -4.23 -23.63 -1.81
N ALA A 66 -5.22 -22.79 -2.13
CA ALA A 66 -6.08 -22.19 -1.12
C ALA A 66 -7.07 -23.23 -0.61
N ALA A 67 -7.09 -23.41 0.71
CA ALA A 67 -7.97 -24.38 1.37
C ALA A 67 -7.89 -24.18 2.87
N ASN A 68 -8.77 -24.86 3.58
CA ASN A 68 -8.65 -25.05 5.02
C ASN A 68 -8.11 -26.47 5.20
N PRO A 69 -6.85 -26.59 5.67
CA PRO A 69 -6.20 -27.91 5.72
C PRO A 69 -6.59 -28.84 6.89
N GLU A 70 -7.31 -28.33 7.90
CA GLU A 70 -7.59 -29.08 9.14
C GLU A 70 -8.67 -30.16 9.01
N VAL A 71 -8.26 -31.43 9.10
CA VAL A 71 -9.18 -32.60 9.04
C VAL A 71 -10.17 -32.65 10.23
N ARG A 72 -9.76 -32.08 11.35
CA ARG A 72 -10.50 -32.24 12.58
C ARG A 72 -11.74 -31.38 12.63
N THR A 75 -16.21 -32.87 10.60
CA THR A 75 -17.07 -33.57 11.56
C THR A 75 -17.94 -32.59 12.33
N THR A 76 -17.30 -31.57 12.92
CA THR A 76 -17.99 -30.64 13.82
C THR A 76 -18.49 -29.41 13.08
N GLU A 77 -17.73 -28.97 12.08
CA GLU A 77 -18.13 -27.82 11.26
C GLU A 77 -17.99 -28.01 9.72
N PRO A 78 -18.66 -29.05 9.15
CA PRO A 78 -18.49 -29.45 7.73
C PRO A 78 -18.76 -28.35 6.67
N ILE A 79 -19.58 -27.35 7.04
CA ILE A 79 -19.95 -26.25 6.15
C ILE A 79 -18.76 -25.34 5.80
N VAL A 80 -17.87 -25.15 6.78
CA VAL A 80 -16.66 -24.36 6.61
C VAL A 80 -15.77 -25.12 5.66
N HIS A 81 -15.60 -26.43 5.91
CA HIS A 81 -14.93 -27.27 4.94
C HIS A 81 -15.57 -27.20 3.57
N PHE A 82 -16.90 -27.03 3.53
CA PHE A 82 -17.61 -27.17 2.27
C PHE A 82 -17.32 -25.95 1.43
N ASN A 83 -17.52 -24.77 2.00
CA ASN A 83 -17.26 -23.53 1.33
C ASN A 83 -15.79 -23.28 0.98
N GLU A 84 -14.91 -23.59 1.92
CA GLU A 84 -13.47 -23.39 1.80
C GLU A 84 -12.83 -24.34 0.81
N ASN A 85 -13.35 -25.57 0.78
CA ASN A 85 -12.73 -26.63 0.03
C ASN A 85 -13.47 -27.01 -1.24
N VAL A 86 -14.81 -26.87 -1.26
CA VAL A 86 -15.62 -27.28 -2.41
C VAL A 86 -16.09 -26.09 -3.25
N VAL A 87 -16.77 -25.12 -2.63
CA VAL A 87 -17.27 -23.95 -3.34
C VAL A 87 -16.11 -23.15 -3.92
N ALA A 88 -15.07 -22.92 -3.11
CA ALA A 88 -13.85 -22.19 -3.53
C ALA A 88 -13.13 -22.80 -4.75
N THR A 89 -13.00 -24.12 -4.75
CA THR A 89 -12.41 -24.86 -5.88
C THR A 89 -13.29 -24.70 -7.14
N PHE A 90 -14.59 -24.86 -6.96
CA PHE A 90 -15.50 -24.57 -8.05
C PHE A 90 -15.32 -23.11 -8.54
N ASN A 91 -15.19 -22.15 -7.64
CA ASN A 91 -15.02 -20.75 -8.04
C ASN A 91 -13.69 -20.55 -8.78
N VAL A 92 -12.65 -21.27 -8.39
CA VAL A 92 -11.37 -21.23 -9.11
C VAL A 92 -11.51 -21.78 -10.52
N LEU A 93 -12.17 -22.93 -10.65
CA LEU A 93 -12.38 -23.59 -11.95
C LEU A 93 -13.25 -22.77 -12.89
N GLU A 94 -14.23 -22.07 -12.33
CA GLU A 94 -15.04 -21.17 -13.15
C GLU A 94 -14.23 -19.95 -13.60
N TRP A 95 -13.38 -19.40 -12.75
CA TRP A 95 -12.47 -18.35 -13.18
C TRP A 95 -11.52 -18.83 -14.28
N ALA A 96 -10.94 -20.02 -14.10
CA ALA A 96 -10.04 -20.63 -15.10
C ALA A 96 -10.71 -20.84 -16.46
N ARG A 97 -11.90 -21.44 -16.46
CA ARG A 97 -12.69 -21.57 -17.67
C ARG A 97 -12.92 -20.23 -18.43
N GLN A 98 -13.41 -19.22 -17.72
CA GLN A 98 -13.86 -17.97 -18.33
C GLN A 98 -12.73 -16.99 -18.66
N THR A 99 -11.53 -17.20 -18.13
CA THR A 99 -10.40 -16.30 -18.39
C THR A 99 -9.25 -16.95 -19.17
N GLY A 100 -9.49 -18.09 -19.79
CA GLY A 100 -8.53 -18.70 -20.70
C GLY A 100 -7.31 -19.37 -20.06
N VAL A 101 -7.42 -19.68 -18.77
CA VAL A 101 -6.40 -20.41 -18.05
C VAL A 101 -6.27 -21.80 -18.67
N ARG A 102 -5.04 -22.27 -18.84
CA ARG A 102 -4.81 -23.51 -19.59
C ARG A 102 -4.75 -24.76 -18.72
N THR A 103 -4.34 -24.59 -17.47
CA THR A 103 -3.98 -25.70 -16.61
C THR A 103 -4.28 -25.33 -15.16
N VAL A 104 -4.80 -26.30 -14.43
CA VAL A 104 -4.93 -26.21 -13.00
C VAL A 104 -3.97 -27.21 -12.39
N VAL A 105 -3.09 -26.77 -11.51
CA VAL A 105 -2.45 -27.70 -10.57
C VAL A 105 -3.20 -27.69 -9.23
N PHE A 106 -3.89 -28.77 -8.94
CA PHE A 106 -4.76 -28.87 -7.78
C PHE A 106 -4.07 -29.58 -6.60
N ALA A 107 -3.94 -28.89 -5.47
CA ALA A 107 -3.51 -29.55 -4.22
C ALA A 107 -4.60 -30.47 -3.70
N SER A 108 -4.40 -31.76 -3.88
CA SER A 108 -5.26 -32.77 -3.32
C SER A 108 -4.51 -33.36 -2.10
N SER A 109 -4.82 -34.60 -1.75
CA SER A 109 -4.44 -35.15 -0.46
C SER A 109 -4.67 -36.63 -0.41
N SER A 110 -3.84 -37.30 0.39
CA SER A 110 -3.93 -38.74 0.63
C SER A 110 -5.26 -39.12 1.31
N THR A 111 -5.94 -38.17 1.93
CA THR A 111 -7.22 -38.45 2.59
C THR A 111 -8.35 -38.85 1.62
N VAL A 112 -8.15 -38.58 0.32
CA VAL A 112 -9.12 -39.00 -0.70
C VAL A 112 -9.28 -40.53 -0.71
N TYR A 113 -8.27 -41.25 -0.22
CA TYR A 113 -8.31 -42.72 -0.19
C TYR A 113 -8.98 -43.31 1.04
N GLY A 114 -9.08 -42.51 2.11
CA GLY A 114 -9.55 -42.98 3.40
C GLY A 114 -8.61 -44.01 4.00
N ASP A 115 -9.18 -45.05 4.61
CA ASP A 115 -8.41 -46.18 5.12
C ASP A 115 -8.12 -47.05 3.90
N ALA A 116 -6.98 -46.83 3.27
CA ALA A 116 -6.71 -47.50 2.00
C ALA A 116 -6.53 -49.02 2.17
N ASP A 117 -7.03 -49.77 1.18
CA ASP A 117 -6.92 -51.21 1.15
C ASP A 117 -5.50 -51.68 0.84
N VAL A 118 -4.75 -50.89 0.07
CA VAL A 118 -3.35 -51.19 -0.18
C VAL A 118 -2.50 -50.04 0.35
N ILE A 119 -1.51 -50.39 1.17
CA ILE A 119 -0.50 -49.49 1.63
C ILE A 119 0.86 -50.16 1.32
N PRO A 120 1.75 -49.46 0.59
CA PRO A 120 1.62 -48.11 -0.03
C PRO A 120 0.49 -48.01 -1.07
N THR A 121 -0.25 -46.91 -1.03
CA THR A 121 -1.47 -46.73 -1.85
C THR A 121 -1.16 -46.25 -3.28
N PRO A 122 -1.56 -47.03 -4.31
CA PRO A 122 -1.46 -46.56 -5.69
C PRO A 122 -2.62 -45.61 -6.10
N GLU A 123 -2.37 -44.75 -7.09
CA GLU A 123 -3.35 -43.76 -7.54
C GLU A 123 -4.64 -44.42 -8.09
N GLU A 124 -4.55 -45.71 -8.46
CA GLU A 124 -5.70 -46.50 -8.94
C GLU A 124 -6.68 -46.85 -7.84
N GLU A 125 -6.26 -46.73 -6.58
CA GLU A 125 -7.18 -46.94 -5.46
C GLU A 125 -8.34 -45.91 -5.52
N PRO A 126 -9.59 -46.38 -5.41
CA PRO A 126 -10.83 -45.57 -5.45
C PRO A 126 -10.94 -44.51 -4.33
N TYR A 127 -11.82 -43.54 -4.52
CA TYR A 127 -12.15 -42.60 -3.45
C TYR A 127 -12.93 -43.33 -2.36
N LYS A 128 -12.35 -43.42 -1.16
CA LYS A 128 -13.09 -43.85 0.04
C LYS A 128 -12.85 -42.92 1.25
N PRO A 129 -12.96 -41.59 1.07
CA PRO A 129 -12.60 -40.70 2.21
C PRO A 129 -13.46 -40.94 3.45
N ILE A 130 -12.89 -40.69 4.61
CA ILE A 130 -13.59 -40.92 5.89
C ILE A 130 -13.77 -39.60 6.65
N SER A 131 -13.17 -38.51 6.13
CA SER A 131 -13.41 -37.16 6.60
C SER A 131 -14.12 -36.29 5.53
N VAL A 132 -14.82 -35.26 5.98
CA VAL A 132 -15.46 -34.28 5.11
C VAL A 132 -14.43 -33.53 4.27
N TYR A 133 -13.24 -33.31 4.82
CA TYR A 133 -12.08 -32.79 4.11
C TYR A 133 -11.62 -33.71 2.94
N GLY A 134 -11.53 -35.02 3.19
CA GLY A 134 -11.22 -35.98 2.11
C GLY A 134 -12.24 -36.00 0.98
N ALA A 135 -13.51 -36.04 1.34
CA ALA A 135 -14.64 -35.86 0.41
C ALA A 135 -14.55 -34.58 -0.41
N ALA A 136 -14.16 -33.49 0.23
CA ALA A 136 -14.03 -32.19 -0.44
C ALA A 136 -12.88 -32.21 -1.43
N LYS A 137 -11.75 -32.81 -1.04
CA LYS A 137 -10.66 -32.99 -2.01
C LYS A 137 -11.04 -33.93 -3.17
N ALA A 138 -11.72 -35.03 -2.87
CA ALA A 138 -12.11 -35.95 -3.93
C ALA A 138 -13.10 -35.25 -4.87
N ALA A 139 -14.01 -34.44 -4.30
CA ALA A 139 -14.99 -33.71 -5.07
C ALA A 139 -14.32 -32.68 -5.99
N GLY A 140 -13.38 -31.91 -5.43
CA GLY A 140 -12.50 -31.03 -6.18
C GLY A 140 -11.80 -31.72 -7.33
N GLU A 141 -11.20 -32.88 -7.08
CA GLU A 141 -10.56 -33.67 -8.15
C GLU A 141 -11.50 -34.03 -9.29
N VAL A 142 -12.67 -34.55 -8.96
CA VAL A 142 -13.71 -34.88 -9.94
C VAL A 142 -14.10 -33.66 -10.80
N MET A 143 -14.34 -32.51 -10.15
CA MET A 143 -14.74 -31.28 -10.84
C MET A 143 -13.63 -30.78 -11.75
N CYS A 144 -12.36 -30.78 -11.28
CA CYS A 144 -11.26 -30.25 -12.10
C CYS A 144 -10.95 -31.18 -13.27
N ALA A 145 -11.12 -32.48 -13.09
CA ALA A 145 -10.99 -33.47 -14.16
C ALA A 145 -12.04 -33.27 -15.26
N THR A 146 -13.28 -33.04 -14.83
CA THR A 146 -14.36 -32.76 -15.73
C THR A 146 -14.16 -31.48 -16.53
N TYR A 147 -13.71 -30.40 -15.86
CA TYR A 147 -13.37 -29.17 -16.54
C TYR A 147 -12.27 -29.40 -17.56
N ALA A 148 -11.34 -30.32 -17.27
CA ALA A 148 -10.29 -30.73 -18.22
C ALA A 148 -10.87 -31.36 -19.47
N ARG A 149 -11.78 -32.30 -19.28
CA ARG A 149 -12.31 -33.08 -20.38
C ARG A 149 -13.24 -32.23 -21.24
N LEU A 150 -14.01 -31.35 -20.58
CA LEU A 150 -15.07 -30.59 -21.21
C LEU A 150 -14.58 -29.28 -21.82
N PHE A 151 -13.75 -28.55 -21.07
CA PHE A 151 -13.32 -27.21 -21.51
C PHE A 151 -11.86 -27.12 -21.90
N GLY A 152 -11.14 -28.24 -21.80
CA GLY A 152 -9.71 -28.22 -22.03
C GLY A 152 -8.84 -27.56 -20.98
N VAL A 153 -9.41 -27.22 -19.82
CA VAL A 153 -8.62 -26.73 -18.68
C VAL A 153 -7.97 -27.96 -18.01
N ARG A 154 -6.83 -28.39 -18.56
CA ARG A 154 -6.13 -29.59 -18.08
C ARG A 154 -5.81 -29.51 -16.57
N CYS A 155 -5.84 -30.64 -15.90
CA CYS A 155 -5.85 -30.64 -14.44
C CYS A 155 -4.89 -31.68 -13.91
N LEU A 156 -3.87 -31.21 -13.20
CA LEU A 156 -2.97 -32.07 -12.47
C LEU A 156 -3.38 -32.04 -11.00
N ALA A 157 -3.98 -33.14 -10.56
CA ALA A 157 -4.34 -33.32 -9.16
C ALA A 157 -3.18 -33.98 -8.41
N VAL A 158 -2.56 -33.20 -7.53
CA VAL A 158 -1.41 -33.72 -6.74
C VAL A 158 -1.87 -34.18 -5.36
N ARG A 159 -1.86 -35.49 -5.14
CA ARG A 159 -2.27 -36.06 -3.86
C ARG A 159 -1.10 -36.12 -2.87
N TYR A 160 -0.97 -35.07 -2.07
CA TYR A 160 0.06 -34.95 -1.05
C TYR A 160 -0.22 -35.79 0.21
N ALA A 161 0.81 -36.53 0.63
CA ALA A 161 0.89 -37.08 1.97
C ALA A 161 1.31 -35.90 2.86
N ASN A 162 1.81 -36.11 4.07
CA ASN A 162 2.13 -34.94 4.87
C ASN A 162 3.36 -34.25 4.33
N VAL A 163 3.31 -32.92 4.27
CA VAL A 163 4.44 -32.14 3.82
C VAL A 163 4.82 -31.28 5.00
N VAL A 164 6.11 -31.25 5.33
CA VAL A 164 6.60 -30.63 6.56
C VAL A 164 7.84 -29.74 6.32
N GLY A 165 7.89 -28.57 6.97
CA GLY A 165 9.03 -27.68 6.80
C GLY A 165 8.88 -26.32 7.44
N PRO A 166 9.81 -25.38 7.14
CA PRO A 166 9.67 -24.00 7.65
C PRO A 166 8.31 -23.37 7.30
N ARG A 167 7.76 -22.59 8.23
CA ARG A 167 6.48 -21.87 8.05
C ARG A 167 5.19 -22.72 8.22
N LEU A 168 5.34 -24.04 8.38
CA LEU A 168 4.19 -24.89 8.69
C LEU A 168 3.57 -24.46 10.01
N ARG A 169 2.24 -24.29 10.01
CA ARG A 169 1.51 -23.85 11.21
C ARG A 169 0.28 -24.74 11.50
N HIS A 170 0.28 -25.96 11.02
CA HIS A 170 -0.76 -26.89 11.36
C HIS A 170 -0.13 -28.28 11.39
N GLY A 171 -0.84 -29.26 11.95
CA GLY A 171 -0.34 -30.61 11.96
C GLY A 171 0.32 -30.99 13.28
N VAL A 172 0.71 -32.26 13.37
CA VAL A 172 1.10 -32.91 14.63
C VAL A 172 2.38 -32.28 15.22
N ILE A 173 3.36 -31.99 14.37
CA ILE A 173 4.65 -31.48 14.83
C ILE A 173 4.41 -30.09 15.41
N TYR A 174 3.69 -29.27 14.66
CA TYR A 174 3.32 -27.95 15.12
C TYR A 174 2.52 -28.03 16.45
N ASP A 175 1.52 -28.91 16.51
CA ASP A 175 0.71 -29.07 17.74
C ASP A 175 1.56 -29.56 18.92
N PHE A 176 2.39 -30.58 18.69
CA PHE A 176 3.24 -31.11 19.77
C PHE A 176 4.14 -30.03 20.36
N ILE A 177 4.75 -29.23 19.49
CA ILE A 177 5.64 -28.12 19.89
C ILE A 177 4.91 -27.07 20.70
N MET A 178 3.72 -26.70 20.21
CA MET A 178 2.91 -25.69 20.85
C MET A 178 2.44 -26.15 22.24
N LYS A 179 2.21 -27.47 22.37
CA LYS A 179 1.78 -28.10 23.62
C LYS A 179 2.87 -28.06 24.69
N LEU A 180 4.08 -28.48 24.30
CA LEU A 180 5.22 -28.45 25.22
C LEU A 180 5.65 -27.03 25.61
N ARG A 181 5.36 -26.07 24.74
CA ARG A 181 5.58 -24.67 25.03
C ARG A 181 4.68 -24.20 26.17
N ARG A 182 3.43 -24.66 26.18
CA ARG A 182 2.44 -24.27 27.19
C ARG A 182 2.67 -24.99 28.51
N ASN A 183 2.98 -26.30 28.40
CA ASN A 183 3.34 -27.16 29.50
C ASN A 183 4.41 -28.19 29.06
N PRO A 184 5.69 -28.04 29.48
CA PRO A 184 6.75 -29.00 29.09
C PRO A 184 6.71 -30.38 29.74
N ASN A 185 5.93 -30.52 30.82
CA ASN A 185 5.86 -31.77 31.57
C ASN A 185 4.82 -32.78 31.08
N VAL A 186 3.79 -32.32 30.37
CA VAL A 186 2.77 -33.25 29.83
C VAL A 186 2.59 -33.07 28.31
N LEU A 187 2.61 -34.19 27.58
CA LEU A 187 2.26 -34.22 26.18
C LEU A 187 1.02 -35.10 25.93
N GLU A 188 -0.13 -34.46 25.66
CA GLU A 188 -1.34 -35.19 25.26
C GLU A 188 -1.23 -35.63 23.81
N VAL A 189 -1.42 -36.94 23.60
CA VAL A 189 -1.36 -37.51 22.28
C VAL A 189 -2.73 -38.16 21.98
N LEU A 190 -3.39 -37.70 20.92
CA LEU A 190 -4.68 -38.21 20.51
C LEU A 190 -4.54 -39.56 19.83
N GLY A 191 -5.47 -40.46 20.09
CA GLY A 191 -5.39 -41.80 19.55
C GLY A 191 -4.68 -42.78 20.46
N ASP A 192 -4.37 -43.96 19.93
CA ASP A 192 -3.72 -45.04 20.68
C ASP A 192 -2.20 -45.04 20.51
N GLY A 193 -1.65 -43.96 19.99
CA GLY A 193 -0.22 -43.84 19.72
C GLY A 193 0.33 -44.65 18.55
N THR A 194 -0.47 -45.55 18.01
CA THR A 194 0.01 -46.47 16.96
C THR A 194 -0.15 -45.99 15.51
N GLN A 195 -0.75 -44.83 15.31
CA GLN A 195 -0.96 -44.30 13.96
C GLN A 195 0.36 -43.93 13.27
N ARG A 196 0.43 -44.24 11.98
CA ARG A 196 1.70 -44.29 11.22
C ARG A 196 1.57 -43.62 9.84
N LYS A 197 2.38 -42.58 9.61
CA LYS A 197 2.24 -41.75 8.41
C LYS A 197 3.56 -41.25 7.85
N SER A 198 3.62 -41.10 6.52
CA SER A 198 4.79 -40.55 5.82
C SER A 198 4.86 -39.03 5.87
N TYR A 199 6.08 -38.50 5.93
CA TYR A 199 6.33 -37.07 6.03
C TYR A 199 7.40 -36.69 5.04
N LEU A 200 7.04 -35.80 4.14
CA LEU A 200 7.93 -35.38 3.07
C LEU A 200 8.32 -33.95 3.32
N TYR A 201 9.62 -33.69 3.35
CA TYR A 201 10.14 -32.36 3.61
C TYR A 201 9.75 -31.41 2.47
N VAL A 202 9.42 -30.16 2.83
CA VAL A 202 8.86 -29.21 1.86
C VAL A 202 9.68 -29.01 0.56
N ARG A 203 11.00 -28.87 0.71
CA ARG A 203 11.90 -28.82 -0.44
C ARG A 203 11.64 -29.98 -1.42
N ASP A 204 11.46 -31.19 -0.91
CA ASP A 204 11.21 -32.37 -1.75
C ASP A 204 9.85 -32.29 -2.43
N ALA A 205 8.85 -31.79 -1.69
CA ALA A 205 7.48 -31.69 -2.17
C ALA A 205 7.40 -30.68 -3.31
N VAL A 206 7.99 -29.51 -3.12
CA VAL A 206 8.02 -28.46 -4.14
C VAL A 206 8.66 -28.95 -5.45
N GLU A 207 9.78 -29.66 -5.32
CA GLU A 207 10.53 -30.16 -6.48
C GLU A 207 9.77 -31.26 -7.24
N ALA A 208 9.15 -32.18 -6.51
CA ALA A 208 8.23 -33.15 -7.13
C ALA A 208 7.01 -32.49 -7.83
N THR A 209 6.51 -31.38 -7.27
CA THR A 209 5.35 -30.68 -7.80
C THR A 209 5.69 -29.98 -9.12
N LEU A 210 6.77 -29.20 -9.10
CA LEU A 210 7.26 -28.52 -10.30
C LEU A 210 7.71 -29.47 -11.45
N ALA A 211 8.36 -30.57 -11.10
CA ALA A 211 8.71 -31.62 -12.08
C ALA A 211 7.50 -32.25 -12.73
N ALA A 212 6.56 -32.70 -11.89
CA ALA A 212 5.34 -33.33 -12.36
C ALA A 212 4.55 -32.36 -13.24
N TRP A 213 4.54 -31.08 -12.88
CA TRP A 213 3.86 -30.05 -13.67
C TRP A 213 4.46 -29.91 -15.07
N LYS A 214 5.77 -29.63 -15.11
CA LYS A 214 6.55 -29.59 -16.35
C LYS A 214 6.24 -30.77 -17.24
N LYS A 215 6.34 -31.98 -16.70
CA LYS A 215 6.03 -33.20 -17.45
C LYS A 215 4.56 -33.35 -17.87
N PHE A 216 3.64 -32.97 -16.99
CA PHE A 216 2.21 -32.97 -17.32
C PHE A 216 1.94 -32.12 -18.57
N GLU A 217 2.62 -30.98 -18.66
CA GLU A 217 2.50 -30.06 -19.79
C GLU A 217 2.91 -30.65 -21.15
N GLU A 218 3.78 -31.66 -21.12
CA GLU A 218 4.27 -32.35 -22.30
C GLU A 218 3.53 -33.68 -22.48
N MET A 219 2.53 -33.93 -21.66
CA MET A 219 1.63 -35.06 -21.88
C MET A 219 0.37 -34.44 -22.48
N ASP A 220 -0.62 -35.25 -22.82
CA ASP A 220 -1.87 -34.66 -23.29
C ASP A 220 -3.14 -35.22 -22.66
N ALA A 221 -2.96 -36.13 -21.70
CA ALA A 221 -4.05 -36.52 -20.83
C ALA A 221 -4.70 -35.24 -20.28
N PRO A 222 -6.05 -35.14 -20.39
CA PRO A 222 -6.73 -33.97 -19.81
C PRO A 222 -6.49 -33.90 -18.30
N PHE A 223 -6.52 -35.05 -17.65
CA PHE A 223 -6.44 -35.17 -16.18
C PHE A 223 -5.38 -36.18 -15.77
N LEU A 224 -4.56 -35.81 -14.79
CA LEU A 224 -3.67 -36.75 -14.13
C LEU A 224 -3.71 -36.58 -12.61
N ALA A 225 -3.92 -37.67 -11.88
CA ALA A 225 -3.78 -37.66 -10.43
C ALA A 225 -2.41 -38.24 -10.05
N LEU A 226 -1.60 -37.50 -9.29
CA LEU A 226 -0.29 -38.07 -8.86
C LEU A 226 0.00 -38.01 -7.35
N ASN A 227 0.33 -39.15 -6.76
CA ASN A 227 0.81 -39.17 -5.37
C ASN A 227 2.18 -38.47 -5.26
N VAL A 228 2.27 -37.51 -4.33
CA VAL A 228 3.52 -36.89 -3.90
C VAL A 228 3.67 -37.11 -2.38
N GLY A 229 4.49 -38.08 -1.98
CA GLY A 229 4.74 -38.35 -0.58
C GLY A 229 6.11 -38.95 -0.39
N ASN A 230 6.49 -39.18 0.87
CA ASN A 230 7.72 -39.93 1.20
C ASN A 230 7.55 -41.45 0.97
N VAL A 231 8.60 -42.26 1.16
CA VAL A 231 8.47 -43.71 0.95
C VAL A 231 8.34 -44.52 2.25
N ASP A 232 8.62 -43.87 3.38
CA ASP A 232 8.50 -44.51 4.69
C ASP A 232 7.56 -43.73 5.61
N ALA A 233 7.16 -44.37 6.71
CA ALA A 233 6.24 -43.78 7.68
C ALA A 233 6.85 -43.72 9.09
N VAL A 234 6.26 -42.88 9.94
CA VAL A 234 6.68 -42.72 11.34
C VAL A 234 5.44 -42.82 12.22
N ARG A 235 5.59 -43.44 13.38
CA ARG A 235 4.49 -43.55 14.34
C ARG A 235 4.34 -42.25 15.08
N VAL A 236 3.13 -41.95 15.54
CA VAL A 236 2.91 -40.71 16.30
C VAL A 236 3.75 -40.62 17.57
N LEU A 237 3.92 -41.76 18.25
CA LEU A 237 4.73 -41.82 19.47
C LEU A 237 6.18 -41.47 19.18
N ASP A 238 6.71 -41.97 18.06
CA ASP A 238 8.07 -41.61 17.63
C ASP A 238 8.19 -40.14 17.28
N ILE A 239 7.10 -39.55 16.78
CA ILE A 239 7.07 -38.13 16.44
C ILE A 239 7.12 -37.32 17.73
N ALA A 240 6.32 -37.77 18.70
CA ALA A 240 6.33 -37.19 20.04
C ALA A 240 7.75 -37.16 20.65
N GLN A 241 8.52 -38.24 20.51
CA GLN A 241 9.90 -38.27 21.02
C GLN A 241 10.90 -37.36 20.29
N ILE A 242 10.90 -37.43 18.97
CA ILE A 242 11.70 -36.53 18.14
C ILE A 242 11.49 -35.06 18.54
N VAL A 243 10.22 -34.63 18.62
CA VAL A 243 9.89 -33.27 19.02
C VAL A 243 10.36 -32.95 20.44
N ALA A 244 10.19 -33.93 21.33
CA ALA A 244 10.54 -33.74 22.73
C ALA A 244 12.04 -33.56 22.86
N GLU A 245 12.80 -34.45 22.23
CA GLU A 245 14.26 -34.36 22.18
C GLU A 245 14.80 -33.05 21.64
N VAL A 246 14.25 -32.60 20.49
CA VAL A 246 14.66 -31.33 19.88
C VAL A 246 14.56 -30.19 20.90
N LEU A 247 13.55 -30.26 21.77
CA LEU A 247 13.27 -29.24 22.78
C LEU A 247 14.06 -29.47 24.09
N GLY A 248 14.71 -30.63 24.18
CA GLY A 248 15.49 -31.01 25.34
C GLY A 248 14.62 -31.55 26.46
N LEU A 249 13.46 -32.11 26.10
CA LEU A 249 12.43 -32.41 27.09
C LEU A 249 12.07 -33.88 27.18
N ARG A 250 11.59 -34.29 28.36
CA ARG A 250 10.98 -35.61 28.59
C ARG A 250 9.61 -35.47 29.29
N PRO A 251 8.56 -35.16 28.51
CA PRO A 251 7.25 -34.99 29.07
C PRO A 251 6.56 -36.31 29.43
N GLU A 252 5.62 -36.24 30.36
CA GLU A 252 4.69 -37.35 30.56
C GLU A 252 3.76 -37.54 29.34
N ILE A 253 3.89 -38.66 28.63
CA ILE A 253 3.04 -38.96 27.47
C ILE A 253 1.66 -39.50 27.90
N ARG A 254 0.62 -38.71 27.67
CA ARG A 254 -0.73 -39.05 28.06
C ARG A 254 -1.56 -39.39 26.81
N LEU A 255 -1.89 -40.67 26.65
CA LEU A 255 -2.79 -41.10 25.59
C LEU A 255 -4.26 -40.66 25.83
N VAL A 256 -4.84 -39.95 24.85
CA VAL A 256 -6.24 -39.54 24.94
C VAL A 256 -7.16 -40.43 24.08
N PRO A 257 -8.01 -41.24 24.76
CA PRO A 257 -8.99 -42.12 24.09
C PRO A 257 -10.01 -41.29 23.32
N SER A 258 -10.37 -41.73 22.12
CA SER A 258 -11.26 -40.91 21.28
C SER A 258 -12.27 -41.66 20.45
N THR A 259 -11.85 -42.81 19.93
CA THR A 259 -12.73 -43.61 19.11
C THR A 259 -12.53 -45.05 19.54
N PRO A 260 -13.59 -45.86 19.45
CA PRO A 260 -13.46 -47.27 19.74
C PRO A 260 -12.21 -47.93 19.13
N ASP A 261 -11.83 -47.52 17.92
CA ASP A 261 -10.72 -48.16 17.19
C ASP A 261 -9.36 -47.47 17.31
N GLY A 262 -9.24 -46.52 18.24
CA GLY A 262 -7.96 -45.88 18.53
C GLY A 262 -7.49 -44.71 17.67
N ARG A 263 -8.38 -44.14 16.86
CA ARG A 263 -8.06 -42.95 16.07
C ARG A 263 -8.08 -41.71 16.99
N GLY A 264 -7.39 -40.66 16.59
CA GLY A 264 -7.40 -39.42 17.36
C GLY A 264 -8.72 -38.67 17.36
N TRP A 265 -9.53 -38.89 16.32
CA TRP A 265 -10.83 -38.23 16.16
C TRP A 265 -11.59 -38.99 15.07
N PRO A 266 -12.94 -38.86 15.02
CA PRO A 266 -13.66 -39.50 13.90
C PRO A 266 -13.22 -38.95 12.54
N GLY A 267 -12.82 -39.85 11.64
CA GLY A 267 -12.32 -39.46 10.33
C GLY A 267 -10.80 -39.39 10.22
N ASP A 268 -10.10 -39.60 11.33
CA ASP A 268 -8.64 -39.64 11.31
C ASP A 268 -8.20 -40.97 10.72
N VAL A 269 -7.49 -40.92 9.59
CA VAL A 269 -6.90 -42.13 9.01
C VAL A 269 -5.72 -42.53 9.89
N LYS A 270 -5.73 -43.77 10.38
CA LYS A 270 -4.66 -44.25 11.27
C LYS A 270 -3.33 -44.58 10.56
N TYR A 271 -3.39 -45.23 9.40
CA TYR A 271 -2.18 -45.68 8.68
C TYR A 271 -2.16 -45.21 7.22
N MET A 272 -1.08 -44.58 6.81
CA MET A 272 -1.00 -44.02 5.48
C MET A 272 0.45 -43.96 4.99
N THR A 273 0.65 -44.49 3.79
CA THR A 273 1.85 -44.29 3.00
C THR A 273 1.40 -44.40 1.54
N LEU A 274 1.80 -43.45 0.72
CA LEU A 274 1.43 -43.46 -0.70
C LEU A 274 2.54 -44.11 -1.55
N ALA A 275 2.16 -44.84 -2.60
CA ALA A 275 3.08 -45.31 -3.62
C ALA A 275 3.47 -44.14 -4.52
N VAL A 276 4.78 -43.92 -4.68
CA VAL A 276 5.30 -42.82 -5.51
C VAL A 276 6.05 -43.31 -6.78
N THR A 277 5.74 -44.54 -7.20
CA THR A 277 6.27 -45.14 -8.43
C THR A 277 6.02 -44.25 -9.64
N LYS A 278 4.75 -43.89 -9.87
CA LYS A 278 4.36 -43.08 -11.02
C LYS A 278 5.16 -41.78 -11.09
N LEU A 279 5.26 -41.11 -9.96
CA LEU A 279 5.98 -39.84 -9.85
C LEU A 279 7.46 -40.00 -10.15
N MET A 280 8.06 -41.05 -9.62
CA MET A 280 9.46 -41.36 -9.89
C MET A 280 9.68 -41.67 -11.37
N LYS A 281 8.90 -42.62 -11.89
CA LYS A 281 8.94 -42.99 -13.31
C LYS A 281 8.82 -41.79 -14.23
N LEU A 282 7.74 -41.03 -14.06
CA LEU A 282 7.48 -39.87 -14.90
C LEU A 282 8.55 -38.76 -14.83
N THR A 283 9.18 -38.56 -13.66
CA THR A 283 10.03 -37.36 -13.46
C THR A 283 11.50 -37.56 -13.05
N GLY A 284 11.84 -38.77 -12.61
CA GLY A 284 13.15 -39.04 -12.01
C GLY A 284 13.36 -38.39 -10.65
N TRP A 285 12.26 -38.11 -9.96
CA TRP A 285 12.30 -37.52 -8.61
C TRP A 285 12.56 -38.58 -7.56
N ARG A 286 13.38 -38.25 -6.57
CA ARG A 286 13.52 -39.02 -5.32
C ARG A 286 13.45 -38.07 -4.12
N PRO A 287 12.95 -38.57 -2.97
CA PRO A 287 13.15 -37.83 -1.71
C PRO A 287 14.64 -37.76 -1.30
N THR A 288 15.01 -36.67 -0.65
CA THR A 288 16.35 -36.50 -0.09
C THR A 288 16.38 -36.76 1.43
N MET A 289 15.20 -36.95 2.03
CA MET A 289 15.10 -37.32 3.44
C MET A 289 14.17 -38.48 3.69
N THR A 290 14.28 -39.05 4.87
CA THR A 290 13.35 -40.06 5.33
C THR A 290 12.21 -39.35 6.06
N SER A 291 11.16 -40.09 6.36
CA SER A 291 10.11 -39.56 7.22
C SER A 291 10.70 -39.03 8.53
N ALA A 292 11.57 -39.81 9.18
CA ALA A 292 12.17 -39.43 10.46
C ALA A 292 12.99 -38.15 10.38
N GLU A 293 13.87 -38.09 9.38
CA GLU A 293 14.69 -36.90 9.14
C GLU A 293 13.86 -35.64 8.87
N ALA A 294 12.80 -35.79 8.08
CA ALA A 294 11.92 -34.65 7.73
C ALA A 294 11.20 -34.15 8.96
N VAL A 295 10.73 -35.09 9.77
CA VAL A 295 10.10 -34.79 11.07
C VAL A 295 11.06 -34.04 12.00
N LYS A 296 12.29 -34.54 12.14
CA LYS A 296 13.30 -33.91 13.02
C LYS A 296 13.72 -32.54 12.53
N LYS A 297 13.92 -32.42 11.23
CA LYS A 297 14.35 -31.15 10.63
C LYS A 297 13.27 -30.08 10.77
N THR A 298 12.01 -30.50 10.59
CA THR A 298 10.88 -29.60 10.77
C THR A 298 10.72 -29.15 12.21
N ALA A 299 10.80 -30.10 13.12
CA ALA A 299 10.81 -29.84 14.56
C ALA A 299 11.84 -28.77 14.91
N GLU A 300 13.06 -28.95 14.39
CA GLU A 300 14.14 -27.96 14.56
C GLU A 300 13.74 -26.61 13.95
N ASP A 301 13.16 -26.65 12.74
CA ASP A 301 12.73 -25.42 12.04
C ASP A 301 11.70 -24.67 12.85
N LEU A 302 10.62 -25.36 13.22
CA LEU A 302 9.52 -24.74 13.95
C LEU A 302 9.92 -24.40 15.39
N ALA A 303 10.82 -25.20 15.97
CA ALA A 303 11.41 -24.87 17.29
C ALA A 303 12.02 -23.47 17.35
N LYS A 304 12.75 -23.09 16.29
CA LYS A 304 13.42 -21.79 16.21
C LYS A 304 12.49 -20.68 15.77
N GLU A 305 11.48 -21.01 14.95
CA GLU A 305 10.47 -20.03 14.53
C GLU A 305 9.51 -19.73 15.66
N LEU A 306 9.14 -20.77 16.41
CA LEU A 306 8.10 -20.67 17.44
C LEU A 306 8.70 -20.66 18.85
N MET B 1 -28.62 4.55 -7.12
CA MET B 1 -27.19 4.95 -6.99
C MET B 1 -26.43 3.94 -6.16
N ARG B 2 -25.33 3.40 -6.71
CA ARG B 2 -24.44 2.47 -6.00
C ARG B 2 -23.39 3.25 -5.22
N ILE B 3 -23.31 3.00 -3.92
CA ILE B 3 -22.28 3.61 -3.10
C ILE B 3 -21.26 2.53 -2.72
N VAL B 4 -19.99 2.76 -3.03
CA VAL B 4 -18.91 1.89 -2.57
C VAL B 4 -18.35 2.48 -1.28
N VAL B 5 -18.15 1.65 -0.26
CA VAL B 5 -17.52 2.12 0.98
C VAL B 5 -16.26 1.30 1.22
N THR B 6 -15.10 1.93 1.07
CA THR B 6 -13.86 1.23 1.35
C THR B 6 -13.63 1.27 2.88
N GLY B 7 -13.05 0.23 3.44
CA GLY B 7 -12.99 0.09 4.87
C GLY B 7 -14.37 0.07 5.54
N GLY B 8 -15.37 -0.49 4.86
CA GLY B 8 -16.74 -0.52 5.34
C GLY B 8 -17.06 -1.51 6.46
N ALA B 9 -16.13 -2.42 6.76
CA ALA B 9 -16.24 -3.30 7.92
C ALA B 9 -15.74 -2.58 9.21
N GLY B 10 -15.07 -1.45 9.05
CA GLY B 10 -14.39 -0.81 10.17
C GLY B 10 -15.25 0.15 10.96
N PHE B 11 -14.64 0.84 11.91
CA PHE B 11 -15.40 1.64 12.85
C PHE B 11 -16.32 2.69 12.17
N ILE B 12 -15.77 3.77 11.60
CA ILE B 12 -16.68 4.75 10.98
C ILE B 12 -17.40 4.16 9.75
N GLY B 13 -16.68 3.32 9.01
CA GLY B 13 -17.18 2.79 7.74
C GLY B 13 -18.47 1.97 7.87
N SER B 14 -18.50 1.06 8.85
CA SER B 14 -19.67 0.22 9.04
C SER B 14 -20.89 1.02 9.45
N HIS B 15 -20.68 2.02 10.31
CA HIS B 15 -21.77 2.89 10.71
C HIS B 15 -22.35 3.62 9.50
N LEU B 16 -21.47 3.98 8.57
CA LEU B 16 -21.81 4.70 7.34
C LEU B 16 -22.59 3.80 6.39
N VAL B 17 -22.08 2.58 6.18
CA VAL B 17 -22.78 1.52 5.46
C VAL B 17 -24.23 1.31 5.95
N ASP B 18 -24.42 1.18 7.26
CA ASP B 18 -25.76 0.98 7.81
C ASP B 18 -26.68 2.15 7.48
N LYS B 19 -26.17 3.37 7.63
CA LYS B 19 -26.99 4.55 7.36
C LYS B 19 -27.28 4.80 5.85
N LEU B 20 -26.34 4.42 4.98
CA LEU B 20 -26.53 4.49 3.52
C LEU B 20 -27.62 3.52 3.03
N VAL B 21 -27.68 2.32 3.60
CA VAL B 21 -28.75 1.35 3.34
C VAL B 21 -30.12 1.94 3.68
N GLU B 22 -30.23 2.55 4.86
CA GLU B 22 -31.45 3.21 5.31
C GLU B 22 -31.93 4.44 4.53
N LEU B 23 -31.05 5.07 3.74
CA LEU B 23 -31.47 6.20 2.92
C LEU B 23 -31.85 5.73 1.51
N GLY B 24 -31.67 4.43 1.26
CA GLY B 24 -32.12 3.85 0.02
C GLY B 24 -31.06 3.36 -0.94
N TYR B 25 -29.79 3.56 -0.59
CA TYR B 25 -28.67 3.28 -1.48
C TYR B 25 -28.35 1.80 -1.61
N GLU B 26 -27.92 1.41 -2.79
CA GLU B 26 -27.30 0.13 -3.06
C GLU B 26 -25.80 0.23 -2.65
N VAL B 27 -25.41 -0.54 -1.62
CA VAL B 27 -24.10 -0.39 -0.95
C VAL B 27 -23.18 -1.58 -1.23
N VAL B 28 -21.96 -1.25 -1.67
CA VAL B 28 -20.90 -2.23 -1.84
C VAL B 28 -19.83 -1.92 -0.79
N VAL B 29 -19.48 -2.94 -0.01
CA VAL B 29 -18.43 -2.83 1.00
C VAL B 29 -17.17 -3.49 0.45
N VAL B 30 -16.06 -2.75 0.49
CA VAL B 30 -14.75 -3.28 0.18
C VAL B 30 -13.84 -3.14 1.41
N ASP B 31 -13.32 -4.27 1.86
CA ASP B 31 -12.53 -4.29 3.06
C ASP B 31 -11.65 -5.51 2.98
N ILE B 32 -10.55 -5.46 3.71
CA ILE B 32 -9.61 -6.54 3.80
C ILE B 32 -10.05 -7.57 4.88
N VAL B 33 -11.00 -7.18 5.74
CA VAL B 33 -11.64 -8.10 6.71
C VAL B 33 -13.17 -8.11 6.51
N GLN B 34 -13.79 -9.18 6.97
CA GLN B 34 -15.23 -9.43 6.77
C GLN B 34 -16.11 -8.89 7.92
N ARG B 35 -17.28 -8.35 7.57
CA ARG B 35 -18.30 -7.96 8.56
C ARG B 35 -19.75 -8.22 8.07
N ASP B 36 -20.61 -8.56 9.05
CA ASP B 36 -22.06 -8.82 8.92
C ASP B 36 -22.80 -8.08 7.81
N ALA B 41 -26.25 -4.76 1.50
CA ALA B 41 -24.85 -4.39 1.29
C ALA B 41 -24.00 -5.62 0.97
N GLU B 42 -23.46 -5.67 -0.25
CA GLU B 42 -22.60 -6.79 -0.67
C GLU B 42 -21.16 -6.49 -0.24
N LEU B 43 -20.38 -7.53 0.05
CA LEU B 43 -19.06 -7.38 0.67
C LEU B 43 -17.99 -8.12 -0.11
N HIS B 44 -16.99 -7.38 -0.59
CA HIS B 44 -15.85 -7.98 -1.26
C HIS B 44 -14.57 -7.70 -0.50
N VAL B 45 -13.81 -8.78 -0.28
CA VAL B 45 -12.46 -8.75 0.25
C VAL B 45 -11.48 -8.38 -0.88
N ARG B 46 -10.84 -7.22 -0.68
CA ARG B 46 -9.88 -6.61 -1.62
C ARG B 46 -8.94 -5.77 -0.77
N ASP B 47 -7.67 -5.74 -1.15
CA ASP B 47 -6.63 -4.93 -0.50
C ASP B 47 -6.37 -3.72 -1.40
N LEU B 48 -6.69 -2.54 -0.90
CA LEU B 48 -6.55 -1.33 -1.70
C LEU B 48 -5.10 -0.95 -2.07
N LYS B 49 -4.11 -1.60 -1.44
CA LYS B 49 -2.69 -1.46 -1.82
C LYS B 49 -2.42 -2.08 -3.19
N ASP B 50 -3.35 -2.90 -3.68
CA ASP B 50 -3.15 -3.56 -4.95
C ASP B 50 -3.92 -2.79 -6.02
N TYR B 51 -3.23 -2.41 -7.10
CA TYR B 51 -3.76 -1.48 -8.14
C TYR B 51 -5.14 -1.92 -8.69
N SER B 52 -5.37 -3.23 -8.73
CA SER B 52 -6.58 -3.77 -9.32
C SER B 52 -7.64 -4.23 -8.28
N TRP B 53 -7.50 -3.79 -7.03
CA TRP B 53 -8.50 -4.05 -6.01
C TRP B 53 -9.96 -3.85 -6.48
N GLY B 54 -10.17 -2.93 -7.43
CA GLY B 54 -11.52 -2.54 -7.83
C GLY B 54 -12.00 -3.14 -9.14
N ALA B 55 -11.26 -4.11 -9.66
CA ALA B 55 -11.67 -4.80 -10.86
C ALA B 55 -13.07 -5.36 -10.63
N GLY B 56 -13.95 -5.10 -11.59
CA GLY B 56 -15.33 -5.54 -11.52
C GLY B 56 -16.21 -4.81 -10.52
N ILE B 57 -15.62 -3.99 -9.64
CA ILE B 57 -16.43 -3.29 -8.64
C ILE B 57 -16.95 -2.04 -9.29
N LYS B 58 -18.28 -1.90 -9.24
CA LYS B 58 -18.97 -0.78 -9.86
C LYS B 58 -19.62 0.15 -8.83
N GLY B 59 -19.42 1.45 -9.02
CA GLY B 59 -20.07 2.42 -8.14
C GLY B 59 -20.13 3.78 -8.79
N ASP B 60 -21.00 4.63 -8.27
CA ASP B 60 -21.19 6.00 -8.74
C ASP B 60 -20.50 7.03 -7.84
N VAL B 61 -20.40 6.68 -6.55
CA VAL B 61 -19.75 7.46 -5.50
C VAL B 61 -18.99 6.47 -4.59
N VAL B 62 -17.74 6.80 -4.22
CA VAL B 62 -16.96 6.01 -3.24
C VAL B 62 -16.72 6.83 -1.97
N PHE B 63 -16.96 6.21 -0.82
CA PHE B 63 -16.53 6.74 0.48
C PHE B 63 -15.25 5.99 0.78
N HIS B 64 -14.14 6.71 0.80
CA HIS B 64 -12.84 6.08 0.98
C HIS B 64 -12.40 6.18 2.46
N PHE B 65 -12.72 5.13 3.21
CA PHE B 65 -12.51 5.09 4.63
C PHE B 65 -11.55 3.97 5.03
N ALA B 66 -11.03 3.21 4.07
CA ALA B 66 -9.91 2.26 4.33
C ALA B 66 -8.61 2.99 4.61
N ALA B 67 -7.92 2.57 5.67
CA ALA B 67 -6.64 3.13 6.09
C ALA B 67 -6.13 2.44 7.35
N ASN B 68 -4.87 2.66 7.67
CA ASN B 68 -4.35 2.43 9.01
C ASN B 68 -4.63 3.72 9.82
N PRO B 69 -5.54 3.62 10.80
CA PRO B 69 -6.08 4.86 11.36
C PRO B 69 -5.23 5.41 12.49
N GLU B 70 -4.21 4.66 12.89
CA GLU B 70 -3.39 4.97 14.04
C GLU B 70 -2.18 5.88 13.74
N VAL B 71 -2.18 7.06 14.35
CA VAL B 71 -1.09 8.03 14.25
C VAL B 71 0.26 7.52 14.87
N ARG B 72 0.17 6.67 15.89
CA ARG B 72 1.37 6.30 16.66
C ARG B 72 2.16 5.14 16.02
N THR B 75 6.74 7.57 12.79
CA THR B 75 7.84 7.28 13.73
C THR B 75 8.21 5.80 13.68
N THR B 76 7.22 4.95 13.95
CA THR B 76 7.37 3.50 14.13
C THR B 76 7.70 2.81 12.79
N GLU B 77 6.66 2.56 11.97
CA GLU B 77 6.79 1.92 10.65
C GLU B 77 6.20 2.78 9.50
N PRO B 78 6.91 3.85 9.10
CA PRO B 78 6.38 4.83 8.14
C PRO B 78 5.94 4.25 6.79
N ILE B 79 6.57 3.16 6.33
CA ILE B 79 6.23 2.52 5.06
C ILE B 79 4.80 1.92 5.02
N VAL B 80 4.42 1.25 6.12
CA VAL B 80 3.06 0.72 6.31
C VAL B 80 2.06 1.85 6.19
N HIS B 81 2.32 2.96 6.86
CA HIS B 81 1.47 4.14 6.79
C HIS B 81 1.40 4.65 5.37
N PHE B 82 2.52 4.58 4.65
CA PHE B 82 2.64 5.18 3.33
C PHE B 82 1.81 4.35 2.36
N ASN B 83 2.07 3.04 2.35
CA ASN B 83 1.31 2.09 1.56
C ASN B 83 -0.20 2.07 1.84
N GLU B 84 -0.57 2.04 3.11
CA GLU B 84 -1.98 2.01 3.54
C GLU B 84 -2.75 3.32 3.30
N ASN B 85 -2.06 4.46 3.37
CA ASN B 85 -2.77 5.76 3.30
C ASN B 85 -2.50 6.49 2.01
N VAL B 86 -1.25 6.52 1.53
CA VAL B 86 -0.95 7.21 0.28
C VAL B 86 -1.18 6.34 -0.96
N VAL B 87 -0.52 5.18 -1.02
CA VAL B 87 -0.64 4.28 -2.18
C VAL B 87 -2.11 3.83 -2.37
N ALA B 88 -2.74 3.37 -1.28
CA ALA B 88 -4.14 2.95 -1.33
C ALA B 88 -5.09 4.07 -1.81
N THR B 89 -4.86 5.31 -1.39
CA THR B 89 -5.70 6.43 -1.83
C THR B 89 -5.54 6.69 -3.35
N PHE B 90 -4.29 6.69 -3.85
CA PHE B 90 -4.04 6.74 -5.28
C PHE B 90 -4.72 5.60 -6.10
N ASN B 91 -4.61 4.36 -5.64
CA ASN B 91 -5.31 3.22 -6.26
C ASN B 91 -6.83 3.42 -6.28
N VAL B 92 -7.39 4.04 -5.26
CA VAL B 92 -8.83 4.37 -5.26
C VAL B 92 -9.13 5.49 -6.23
N LEU B 93 -8.23 6.48 -6.30
CA LEU B 93 -8.45 7.61 -7.22
C LEU B 93 -8.35 7.17 -8.67
N GLU B 94 -7.43 6.23 -8.95
CA GLU B 94 -7.31 5.67 -10.29
C GLU B 94 -8.50 4.81 -10.70
N TRP B 95 -8.95 3.90 -9.82
CA TRP B 95 -10.21 3.18 -10.01
C TRP B 95 -11.38 4.12 -10.33
N ALA B 96 -11.55 5.17 -9.51
CA ALA B 96 -12.63 6.12 -9.73
C ALA B 96 -12.59 6.82 -11.08
N ARG B 97 -11.38 7.23 -11.48
CA ARG B 97 -11.16 7.90 -12.75
C ARG B 97 -11.54 7.02 -13.94
N GLN B 98 -11.15 5.74 -13.86
CA GLN B 98 -11.27 4.80 -14.97
C GLN B 98 -12.63 4.10 -15.08
N THR B 99 -13.38 4.04 -13.98
CA THR B 99 -14.64 3.31 -13.99
C THR B 99 -15.85 4.25 -13.89
N GLY B 100 -15.62 5.54 -14.09
CA GLY B 100 -16.73 6.52 -14.17
C GLY B 100 -17.30 7.02 -12.84
N VAL B 101 -16.61 6.77 -11.73
CA VAL B 101 -17.07 7.24 -10.42
C VAL B 101 -17.16 8.77 -10.45
N ARG B 102 -18.25 9.30 -9.91
CA ARG B 102 -18.52 10.75 -9.97
C ARG B 102 -17.96 11.56 -8.81
N THR B 103 -17.79 10.92 -7.65
CA THR B 103 -17.46 11.60 -6.41
C THR B 103 -16.67 10.67 -5.49
N VAL B 104 -15.70 11.27 -4.79
CA VAL B 104 -14.96 10.59 -3.73
C VAL B 104 -15.30 11.33 -2.45
N VAL B 105 -15.75 10.60 -1.43
CA VAL B 105 -15.81 11.19 -0.09
C VAL B 105 -14.60 10.68 0.64
N PHE B 106 -13.61 11.56 0.83
CA PHE B 106 -12.32 11.18 1.44
C PHE B 106 -12.28 11.36 2.98
N ALA B 107 -12.03 10.28 3.70
CA ALA B 107 -11.81 10.37 5.16
C ALA B 107 -10.44 10.99 5.49
N SER B 108 -10.45 12.26 5.83
CA SER B 108 -9.20 12.96 6.15
C SER B 108 -9.14 13.09 7.67
N SER B 109 -8.47 14.12 8.18
CA SER B 109 -8.09 14.11 9.59
C SER B 109 -7.63 15.48 10.08
N SER B 110 -7.84 15.70 11.38
CA SER B 110 -7.43 16.96 12.00
C SER B 110 -5.90 17.05 12.03
N THR B 111 -5.23 15.90 11.85
CA THR B 111 -3.77 15.85 11.87
C THR B 111 -3.13 16.52 10.68
N VAL B 112 -3.89 16.73 9.61
CA VAL B 112 -3.36 17.46 8.44
C VAL B 112 -2.88 18.87 8.82
N TYR B 113 -3.43 19.42 9.90
CA TYR B 113 -3.13 20.78 10.36
C TYR B 113 -1.89 20.85 11.24
N GLY B 114 -1.52 19.73 11.86
CA GLY B 114 -0.46 19.71 12.88
C GLY B 114 -0.83 20.52 14.12
N ASP B 115 0.17 21.18 14.72
CA ASP B 115 -0.12 22.12 15.81
C ASP B 115 -0.73 23.36 15.17
N ALA B 116 -2.03 23.54 15.31
CA ALA B 116 -2.63 24.66 14.62
C ALA B 116 -2.49 26.00 15.40
N ASP B 117 -2.47 27.10 14.67
CA ASP B 117 -2.28 28.41 15.25
C ASP B 117 -3.52 28.90 15.95
N VAL B 118 -4.67 28.62 15.34
CA VAL B 118 -5.97 29.07 15.83
C VAL B 118 -6.78 27.89 16.36
N ILE B 119 -7.32 28.02 17.57
CA ILE B 119 -8.27 27.03 18.11
C ILE B 119 -9.52 27.78 18.54
N PRO B 120 -10.69 27.38 17.99
CA PRO B 120 -10.90 26.30 17.03
C PRO B 120 -10.32 26.57 15.63
N THR B 121 -9.84 25.50 14.98
CA THR B 121 -9.11 25.55 13.70
C THR B 121 -10.02 25.54 12.46
N PRO B 122 -9.96 26.62 11.65
CA PRO B 122 -10.74 26.68 10.41
C PRO B 122 -10.04 25.98 9.27
N GLU B 123 -10.81 25.61 8.25
CA GLU B 123 -10.36 24.86 7.08
C GLU B 123 -9.25 25.58 6.31
N GLU B 124 -9.24 26.90 6.44
CA GLU B 124 -8.22 27.77 5.83
C GLU B 124 -6.79 27.49 6.32
N GLU B 125 -6.62 27.10 7.59
CA GLU B 125 -5.29 26.69 8.07
C GLU B 125 -4.62 25.75 7.06
N PRO B 126 -3.32 25.98 6.81
CA PRO B 126 -2.58 25.19 5.83
C PRO B 126 -2.20 23.81 6.35
N TYR B 127 -1.74 22.97 5.44
CA TYR B 127 -1.17 21.68 5.80
C TYR B 127 0.16 21.88 6.53
N LYS B 128 0.18 21.62 7.82
CA LYS B 128 1.41 21.61 8.61
C LYS B 128 1.56 20.34 9.51
N PRO B 129 1.37 19.15 8.93
CA PRO B 129 1.38 17.96 9.79
C PRO B 129 2.73 17.74 10.47
N ILE B 130 2.68 17.13 11.65
CA ILE B 130 3.87 16.74 12.42
C ILE B 130 3.96 15.19 12.55
N SER B 131 2.97 14.49 12.02
CA SER B 131 3.04 13.04 11.94
C SER B 131 3.00 12.59 10.47
N VAL B 132 3.61 11.45 10.20
CA VAL B 132 3.56 10.79 8.92
C VAL B 132 2.12 10.46 8.52
N TYR B 133 1.30 10.01 9.46
CA TYR B 133 -0.14 9.85 9.25
C TYR B 133 -0.82 11.15 8.74
N GLY B 134 -0.52 12.29 9.37
CA GLY B 134 -1.06 13.60 8.96
C GLY B 134 -0.61 14.04 7.58
N ALA B 135 0.64 13.70 7.25
CA ALA B 135 1.22 13.96 5.93
C ALA B 135 0.58 13.09 4.84
N ALA B 136 0.29 11.84 5.18
CA ALA B 136 -0.40 10.92 4.26
C ALA B 136 -1.81 11.38 3.89
N LYS B 137 -2.51 11.91 4.90
CA LYS B 137 -3.86 12.44 4.76
C LYS B 137 -3.89 13.73 3.94
N ALA B 138 -2.87 14.58 4.12
CA ALA B 138 -2.79 15.82 3.36
C ALA B 138 -2.44 15.47 1.92
N ALA B 139 -1.54 14.50 1.75
CA ALA B 139 -1.14 14.01 0.43
C ALA B 139 -2.35 13.41 -0.31
N GLY B 140 -3.19 12.66 0.40
CA GLY B 140 -4.49 12.19 -0.14
C GLY B 140 -5.45 13.30 -0.53
N GLU B 141 -5.64 14.28 0.35
CA GLU B 141 -6.42 15.48 -0.02
C GLU B 141 -5.96 16.15 -1.31
N VAL B 142 -4.64 16.37 -1.40
CA VAL B 142 -4.02 16.98 -2.54
C VAL B 142 -4.28 16.23 -3.85
N MET B 143 -4.10 14.91 -3.84
CA MET B 143 -4.36 14.07 -5.02
C MET B 143 -5.84 14.07 -5.36
N CYS B 144 -6.67 13.96 -4.32
CA CYS B 144 -8.13 13.91 -4.47
C CYS B 144 -8.62 15.22 -5.08
N ALA B 145 -8.16 16.36 -4.57
CA ALA B 145 -8.50 17.70 -5.14
C ALA B 145 -8.09 17.76 -6.60
N THR B 146 -6.93 17.19 -6.92
CA THR B 146 -6.40 17.24 -8.29
C THR B 146 -7.22 16.43 -9.28
N TYR B 147 -7.61 15.22 -8.87
CA TYR B 147 -8.51 14.39 -9.68
C TYR B 147 -9.86 15.08 -9.88
N ALA B 148 -10.31 15.84 -8.90
CA ALA B 148 -11.56 16.55 -9.02
C ALA B 148 -11.40 17.58 -10.15
N ARG B 149 -10.42 18.45 -9.97
CA ARG B 149 -10.11 19.48 -10.92
C ARG B 149 -9.82 18.95 -12.33
N LEU B 150 -9.15 17.81 -12.43
CA LEU B 150 -8.62 17.29 -13.70
C LEU B 150 -9.56 16.34 -14.43
N PHE B 151 -10.17 15.40 -13.68
CA PHE B 151 -10.96 14.34 -14.30
C PHE B 151 -12.45 14.49 -13.96
N GLY B 152 -12.77 15.51 -13.20
CA GLY B 152 -14.14 15.69 -12.75
C GLY B 152 -14.65 14.66 -11.74
N VAL B 153 -13.73 13.96 -11.08
CA VAL B 153 -14.08 13.14 -9.92
C VAL B 153 -14.13 14.04 -8.67
N ARG B 154 -15.31 14.58 -8.40
CA ARG B 154 -15.45 15.57 -7.36
C ARG B 154 -14.99 15.00 -6.00
N CYS B 155 -14.43 15.86 -5.14
CA CYS B 155 -13.83 15.38 -3.88
C CYS B 155 -14.26 16.22 -2.70
N LEU B 156 -14.95 15.54 -1.78
CA LEU B 156 -15.26 16.01 -0.44
C LEU B 156 -14.25 15.35 0.52
N ALA B 157 -13.36 16.18 1.07
CA ALA B 157 -12.37 15.72 2.04
C ALA B 157 -12.92 16.02 3.41
N VAL B 158 -13.25 14.98 4.17
CA VAL B 158 -13.80 15.22 5.51
C VAL B 158 -12.72 15.13 6.56
N ARG B 159 -12.42 16.27 7.18
CA ARG B 159 -11.42 16.33 8.22
C ARG B 159 -12.06 16.07 9.57
N TYR B 160 -12.02 14.81 9.97
CA TYR B 160 -12.47 14.37 11.28
C TYR B 160 -11.50 14.69 12.40
N ALA B 161 -12.07 15.30 13.45
CA ALA B 161 -11.51 15.33 14.81
C ALA B 161 -11.87 13.97 15.36
N ASN B 162 -11.65 13.69 16.64
CA ASN B 162 -11.85 12.32 17.10
C ASN B 162 -13.30 11.87 17.05
N VAL B 163 -13.52 10.69 16.50
CA VAL B 163 -14.86 10.12 16.42
C VAL B 163 -14.87 8.87 17.27
N VAL B 164 -15.91 8.75 18.08
CA VAL B 164 -15.94 7.72 19.11
C VAL B 164 -17.30 7.03 19.20
N GLY B 165 -17.28 5.72 19.32
CA GLY B 165 -18.52 5.04 19.64
C GLY B 165 -18.31 3.55 19.66
N PRO B 166 -19.42 2.79 19.54
CA PRO B 166 -19.35 1.35 19.44
C PRO B 166 -18.46 0.89 18.29
N ARG B 167 -17.70 -0.16 18.56
CA ARG B 167 -16.84 -0.85 17.60
C ARG B 167 -15.45 -0.22 17.37
N LEU B 168 -15.19 0.94 18.01
CA LEU B 168 -13.90 1.61 17.94
C LEU B 168 -12.84 0.77 18.60
N ARG B 169 -11.73 0.57 17.90
CA ARG B 169 -10.68 -0.30 18.39
C ARG B 169 -9.31 0.39 18.37
N HIS B 170 -9.31 1.73 18.38
CA HIS B 170 -8.09 2.52 18.60
C HIS B 170 -8.47 3.78 19.36
N GLY B 171 -7.46 4.55 19.76
CA GLY B 171 -7.72 5.83 20.43
C GLY B 171 -7.46 5.75 21.92
N VAL B 172 -7.50 6.91 22.57
CA VAL B 172 -7.18 7.06 23.99
C VAL B 172 -8.14 6.26 24.91
N ILE B 173 -9.44 6.28 24.60
CA ILE B 173 -10.47 5.63 25.44
C ILE B 173 -10.28 4.13 25.42
N TYR B 174 -10.17 3.59 24.21
CA TYR B 174 -9.81 2.20 23.99
C TYR B 174 -8.53 1.80 24.75
N ASP B 175 -7.48 2.63 24.64
CA ASP B 175 -6.17 2.35 25.27
C ASP B 175 -6.26 2.30 26.79
N PHE B 176 -6.99 3.27 27.38
CA PHE B 176 -7.19 3.35 28.82
C PHE B 176 -7.99 2.15 29.35
N ILE B 177 -9.02 1.73 28.61
CA ILE B 177 -9.81 0.56 28.99
C ILE B 177 -8.92 -0.67 28.99
N MET B 178 -8.17 -0.84 27.91
CA MET B 178 -7.28 -1.99 27.76
C MET B 178 -6.18 -2.03 28.83
N LYS B 179 -5.64 -0.88 29.18
CA LYS B 179 -4.60 -0.80 30.20
C LYS B 179 -5.16 -1.17 31.57
N LEU B 180 -6.32 -0.59 31.92
CA LEU B 180 -6.95 -0.83 33.21
C LEU B 180 -7.45 -2.28 33.35
N ARG B 181 -7.89 -2.85 32.23
CA ARG B 181 -8.34 -4.25 32.18
C ARG B 181 -7.18 -5.22 32.44
N ARG B 182 -5.96 -4.79 32.12
CA ARG B 182 -4.80 -5.60 32.42
C ARG B 182 -4.07 -5.20 33.74
N ASN B 183 -4.07 -3.90 34.05
CA ASN B 183 -3.57 -3.42 35.35
C ASN B 183 -4.52 -2.40 35.99
N PRO B 184 -5.45 -2.87 36.85
CA PRO B 184 -6.42 -2.04 37.57
C PRO B 184 -5.82 -0.95 38.45
N ASN B 185 -4.64 -1.21 39.03
CA ASN B 185 -4.11 -0.34 40.08
C ASN B 185 -3.36 0.92 39.62
N VAL B 186 -2.83 0.91 38.40
CA VAL B 186 -2.09 2.06 37.85
C VAL B 186 -2.53 2.39 36.42
N LEU B 187 -2.76 3.68 36.16
CA LEU B 187 -3.00 4.13 34.81
C LEU B 187 -1.90 5.10 34.36
N GLU B 188 -1.09 4.66 33.40
CA GLU B 188 -0.08 5.55 32.82
C GLU B 188 -0.67 6.42 31.73
N VAL B 189 -0.37 7.70 31.83
CA VAL B 189 -0.78 8.69 30.87
C VAL B 189 0.48 9.27 30.23
N LEU B 190 0.64 9.04 28.92
CA LEU B 190 1.75 9.64 28.13
C LEU B 190 1.58 11.14 28.05
N GLY B 191 2.69 11.87 28.19
CA GLY B 191 2.71 13.31 28.01
C GLY B 191 2.53 14.21 29.23
N ASP B 192 2.28 15.48 28.95
CA ASP B 192 2.03 16.58 29.89
C ASP B 192 0.92 16.32 30.90
N GLY B 193 -0.17 15.72 30.40
CA GLY B 193 -1.43 15.68 31.12
C GLY B 193 -2.29 16.89 30.79
N THR B 194 -1.71 17.87 30.10
CA THR B 194 -2.40 19.09 29.69
C THR B 194 -3.26 18.94 28.42
N GLN B 195 -3.04 17.88 27.64
CA GLN B 195 -3.64 17.82 26.30
C GLN B 195 -5.17 17.79 26.25
N ARG B 196 -5.74 18.64 25.39
CA ARG B 196 -7.20 18.72 25.23
C ARG B 196 -7.56 18.44 23.79
N LYS B 197 -8.56 17.61 23.60
CA LYS B 197 -8.98 17.22 22.26
C LYS B 197 -10.50 17.16 22.26
N SER B 198 -11.09 17.18 21.08
CA SER B 198 -12.55 17.11 20.96
C SER B 198 -12.96 15.70 20.53
N TYR B 199 -14.14 15.27 20.99
CA TYR B 199 -14.68 13.93 20.69
C TYR B 199 -16.13 14.02 20.22
N LEU B 200 -16.39 13.42 19.07
CA LEU B 200 -17.70 13.48 18.44
C LEU B 200 -18.24 12.07 18.40
N TYR B 201 -19.43 11.89 18.96
CA TYR B 201 -20.06 10.59 18.94
C TYR B 201 -20.30 10.20 17.51
N VAL B 202 -20.18 8.92 17.21
CA VAL B 202 -20.17 8.46 15.83
C VAL B 202 -21.47 8.79 15.04
N ARG B 203 -22.61 8.77 15.73
CA ARG B 203 -23.90 9.08 15.13
C ARG B 203 -23.87 10.48 14.58
N ASP B 204 -23.40 11.43 15.38
CA ASP B 204 -23.26 12.84 14.94
C ASP B 204 -22.31 12.96 13.74
N ALA B 205 -21.20 12.22 13.77
CA ALA B 205 -20.19 12.24 12.71
C ALA B 205 -20.67 11.62 11.41
N VAL B 206 -21.51 10.59 11.51
CA VAL B 206 -22.15 10.00 10.34
C VAL B 206 -23.23 10.94 9.77
N GLU B 207 -24.06 11.52 10.65
CA GLU B 207 -25.06 12.51 10.25
C GLU B 207 -24.41 13.69 9.51
N ALA B 208 -23.31 14.19 10.07
CA ALA B 208 -22.59 15.32 9.49
C ALA B 208 -22.05 14.98 8.09
N THR B 209 -21.48 13.79 7.95
CA THR B 209 -20.86 13.30 6.72
C THR B 209 -21.90 13.14 5.63
N LEU B 210 -22.94 12.38 5.92
CA LEU B 210 -24.03 12.19 4.97
C LEU B 210 -24.69 13.48 4.55
N ALA B 211 -24.91 14.40 5.51
CA ALA B 211 -25.51 15.72 5.22
C ALA B 211 -24.62 16.63 4.40
N ALA B 212 -23.35 16.71 4.77
CA ALA B 212 -22.32 17.39 3.95
C ALA B 212 -22.25 16.86 2.51
N TRP B 213 -22.21 15.54 2.34
CA TRP B 213 -22.18 14.91 1.03
C TRP B 213 -23.37 15.29 0.14
N LYS B 214 -24.57 15.15 0.70
CA LYS B 214 -25.82 15.60 0.04
C LYS B 214 -25.71 17.06 -0.46
N LYS B 215 -25.29 17.98 0.41
CA LYS B 215 -25.05 19.38 0.00
C LYS B 215 -23.91 19.57 -1.03
N PHE B 216 -22.87 18.75 -0.89
CA PHE B 216 -21.77 18.75 -1.87
C PHE B 216 -22.29 18.39 -3.25
N GLU B 217 -23.20 17.41 -3.31
CA GLU B 217 -23.74 16.96 -4.60
C GLU B 217 -24.66 17.98 -5.29
N GLU B 218 -24.91 19.11 -4.63
CA GLU B 218 -25.74 20.22 -5.19
C GLU B 218 -24.96 21.52 -5.31
N MET B 219 -23.64 21.48 -5.17
CA MET B 219 -22.84 22.67 -5.43
C MET B 219 -21.84 22.36 -6.53
N ASP B 220 -21.03 23.35 -6.93
CA ASP B 220 -20.16 23.16 -8.10
C ASP B 220 -18.68 22.93 -7.76
N ALA B 221 -18.23 23.33 -6.57
CA ALA B 221 -16.82 23.16 -6.19
C ALA B 221 -16.32 21.78 -6.60
N PRO B 222 -15.31 21.73 -7.48
CA PRO B 222 -14.68 20.41 -7.75
C PRO B 222 -14.19 19.71 -6.45
N PHE B 223 -13.60 20.50 -5.56
CA PHE B 223 -13.04 20.03 -4.29
C PHE B 223 -13.56 20.83 -3.09
N LEU B 224 -13.90 20.15 -2.00
CA LEU B 224 -14.23 20.83 -0.73
C LEU B 224 -13.64 20.09 0.45
N ALA B 225 -12.99 20.85 1.32
CA ALA B 225 -12.49 20.36 2.59
C ALA B 225 -13.44 20.85 3.66
N LEU B 226 -13.90 19.94 4.51
CA LEU B 226 -14.83 20.28 5.58
C LEU B 226 -14.39 19.69 6.89
N ASN B 227 -14.34 20.51 7.95
CA ASN B 227 -14.09 19.97 9.29
C ASN B 227 -15.37 19.32 9.81
N VAL B 228 -15.20 18.14 10.39
CA VAL B 228 -16.24 17.45 11.14
C VAL B 228 -15.71 17.03 12.53
N GLY B 229 -16.11 17.81 13.54
CA GLY B 229 -15.76 17.52 14.92
C GLY B 229 -16.72 18.21 15.88
N ASN B 230 -16.46 18.07 17.17
CA ASN B 230 -17.27 18.72 18.17
C ASN B 230 -16.81 20.17 18.40
N VAL B 231 -17.60 20.92 19.14
CA VAL B 231 -17.34 22.34 19.38
C VAL B 231 -16.63 22.57 20.72
N ASP B 232 -16.33 21.50 21.44
CA ASP B 232 -15.65 21.62 22.74
C ASP B 232 -14.64 20.48 22.94
N ALA B 233 -13.82 20.61 23.99
CA ALA B 233 -12.73 19.66 24.23
C ALA B 233 -12.69 19.11 25.66
N VAL B 234 -12.14 17.91 25.80
CA VAL B 234 -11.87 17.32 27.11
C VAL B 234 -10.36 17.10 27.28
N ARG B 235 -9.86 17.36 28.49
CA ARG B 235 -8.46 17.07 28.84
C ARG B 235 -8.25 15.59 29.01
N VAL B 236 -7.04 15.12 28.69
CA VAL B 236 -6.70 13.71 28.85
C VAL B 236 -6.81 13.20 30.29
N LEU B 237 -6.43 14.03 31.28
CA LEU B 237 -6.57 13.67 32.69
C LEU B 237 -8.06 13.43 33.06
N ASP B 238 -8.96 14.17 32.42
CA ASP B 238 -10.38 13.98 32.62
C ASP B 238 -10.94 12.80 31.87
N ILE B 239 -10.35 12.47 30.72
CA ILE B 239 -10.70 11.22 30.03
C ILE B 239 -10.31 10.03 30.91
N ALA B 240 -9.09 10.07 31.44
CA ALA B 240 -8.63 9.02 32.37
C ALA B 240 -9.64 8.81 33.52
N GLN B 241 -10.14 9.90 34.10
CA GLN B 241 -11.11 9.86 35.20
C GLN B 241 -12.45 9.25 34.78
N ILE B 242 -12.98 9.70 33.64
CA ILE B 242 -14.25 9.19 33.11
C ILE B 242 -14.20 7.68 32.86
N VAL B 243 -13.13 7.21 32.23
CA VAL B 243 -12.94 5.77 31.99
C VAL B 243 -12.87 5.00 33.30
N ALA B 244 -12.01 5.45 34.23
CA ALA B 244 -11.88 4.83 35.55
C ALA B 244 -13.25 4.70 36.21
N GLU B 245 -13.96 5.82 36.29
CA GLU B 245 -15.31 5.86 36.83
C GLU B 245 -16.23 4.81 36.20
N VAL B 246 -16.37 4.84 34.87
CA VAL B 246 -17.14 3.81 34.13
C VAL B 246 -16.74 2.38 34.52
N LEU B 247 -15.45 2.15 34.74
CA LEU B 247 -15.01 0.80 35.09
C LEU B 247 -15.13 0.47 36.59
N GLY B 248 -15.58 1.45 37.37
CA GLY B 248 -15.71 1.30 38.82
C GLY B 248 -14.36 1.18 39.52
N LEU B 249 -13.35 1.90 39.01
CA LEU B 249 -11.96 1.76 39.46
C LEU B 249 -11.38 3.11 39.88
N ARG B 250 -10.37 3.04 40.75
CA ARG B 250 -9.66 4.22 41.25
C ARG B 250 -8.15 3.95 41.18
N PRO B 251 -7.57 3.97 39.96
CA PRO B 251 -6.15 3.72 39.76
C PRO B 251 -5.35 4.95 40.12
N GLU B 252 -4.06 4.77 40.39
CA GLU B 252 -3.18 5.91 40.48
C GLU B 252 -2.90 6.39 39.07
N ILE B 253 -3.07 7.69 38.85
CA ILE B 253 -2.75 8.33 37.57
C ILE B 253 -1.25 8.62 37.55
N ARG B 254 -0.52 7.94 36.66
CA ARG B 254 0.91 8.15 36.57
C ARG B 254 1.26 8.83 35.26
N LEU B 255 1.80 10.04 35.33
CA LEU B 255 2.26 10.73 34.13
C LEU B 255 3.61 10.22 33.64
N VAL B 256 3.71 10.09 32.32
CA VAL B 256 4.95 9.68 31.63
C VAL B 256 5.27 10.69 30.49
N PRO B 257 5.89 11.85 30.82
CA PRO B 257 6.19 12.78 29.71
C PRO B 257 7.35 12.23 28.88
N SER B 258 7.14 12.14 27.57
CA SER B 258 8.12 11.55 26.68
C SER B 258 9.03 12.65 26.20
N THR B 259 8.49 13.45 25.29
CA THR B 259 9.22 14.49 24.59
C THR B 259 9.49 15.71 25.49
N PRO B 260 10.50 16.54 25.14
CA PRO B 260 10.85 17.77 25.88
C PRO B 260 9.74 18.82 25.98
N ASP B 261 8.85 18.87 24.99
CA ASP B 261 7.71 19.81 24.98
C ASP B 261 6.42 19.23 25.58
N GLY B 262 6.51 18.00 26.09
CA GLY B 262 5.42 17.39 26.87
C GLY B 262 4.39 16.61 26.09
N ARG B 263 4.72 16.23 24.86
CA ARG B 263 3.83 15.45 24.02
C ARG B 263 3.87 14.02 24.50
N GLY B 264 2.90 13.21 24.07
CA GLY B 264 2.88 11.80 24.40
C GLY B 264 3.91 11.02 23.62
N TRP B 265 4.29 11.55 22.47
CA TRP B 265 5.20 10.92 21.51
C TRP B 265 5.53 11.95 20.44
N PRO B 266 6.68 11.82 19.75
CA PRO B 266 6.94 12.81 18.71
C PRO B 266 5.89 12.69 17.61
N GLY B 267 5.30 13.81 17.21
CA GLY B 267 4.21 13.80 16.22
C GLY B 267 2.82 13.90 16.84
N ASP B 268 2.78 13.89 18.17
CA ASP B 268 1.52 13.98 18.91
C ASP B 268 1.15 15.44 19.05
N VAL B 269 0.07 15.85 18.36
CA VAL B 269 -0.52 17.18 18.55
C VAL B 269 -1.21 17.15 19.91
N LYS B 270 -0.93 18.13 20.76
CA LYS B 270 -1.41 18.12 22.15
C LYS B 270 -2.80 18.73 22.30
N TYR B 271 -3.08 19.78 21.54
CA TYR B 271 -4.28 20.55 21.64
C TYR B 271 -4.95 20.65 20.28
N MET B 272 -6.27 20.39 20.25
CA MET B 272 -7.03 20.36 19.01
C MET B 272 -8.51 20.55 19.30
N THR B 273 -9.11 21.45 18.55
CA THR B 273 -10.56 21.53 18.34
C THR B 273 -10.73 22.14 16.95
N LEU B 274 -11.54 21.48 16.11
CA LEU B 274 -11.84 22.01 14.76
C LEU B 274 -13.01 22.98 14.87
N ALA B 275 -12.98 24.06 14.06
CA ALA B 275 -14.11 24.98 13.96
C ALA B 275 -15.03 24.39 12.92
N VAL B 276 -16.28 24.15 13.30
CA VAL B 276 -17.28 23.52 12.43
C VAL B 276 -18.34 24.49 11.88
N THR B 277 -18.04 25.79 11.98
CA THR B 277 -18.80 26.90 11.34
C THR B 277 -19.26 26.60 9.92
N LYS B 278 -18.31 26.22 9.05
CA LYS B 278 -18.58 25.90 7.64
C LYS B 278 -19.56 24.76 7.44
N LEU B 279 -19.39 23.67 8.19
CA LEU B 279 -20.34 22.54 8.21
C LEU B 279 -21.74 22.95 8.68
N MET B 280 -21.81 23.73 9.75
CA MET B 280 -23.09 24.18 10.29
C MET B 280 -23.85 25.06 9.27
N LYS B 281 -23.20 26.10 8.76
CA LYS B 281 -23.74 26.96 7.69
C LYS B 281 -24.28 26.18 6.48
N LEU B 282 -23.52 25.17 6.06
CA LEU B 282 -23.85 24.40 4.86
C LEU B 282 -25.06 23.48 5.05
N THR B 283 -25.17 22.89 6.24
CA THR B 283 -26.05 21.74 6.46
C THR B 283 -27.08 21.94 7.60
N GLY B 284 -26.82 22.89 8.49
CA GLY B 284 -27.65 23.06 9.70
C GLY B 284 -27.40 22.00 10.77
N TRP B 285 -26.41 21.14 10.57
CA TRP B 285 -26.07 20.07 11.55
C TRP B 285 -25.62 20.67 12.88
N ARG B 286 -25.95 20.00 13.97
CA ARG B 286 -25.46 20.32 15.30
C ARG B 286 -25.05 19.01 15.97
N PRO B 287 -24.05 19.05 16.88
CA PRO B 287 -23.77 17.85 17.70
C PRO B 287 -24.89 17.61 18.72
N THR B 288 -25.08 16.36 19.13
CA THR B 288 -26.17 16.00 20.04
C THR B 288 -25.63 15.59 21.40
N MET B 289 -24.30 15.56 21.53
CA MET B 289 -23.66 15.48 22.83
C MET B 289 -22.30 16.19 22.85
N THR B 290 -21.84 16.51 24.05
CA THR B 290 -20.58 17.20 24.24
C THR B 290 -19.48 16.16 24.12
N SER B 291 -18.23 16.61 24.00
CA SER B 291 -17.09 15.70 23.99
C SER B 291 -17.05 14.81 25.25
N ALA B 292 -17.32 15.42 26.41
CA ALA B 292 -17.33 14.70 27.70
C ALA B 292 -18.41 13.64 27.71
N GLU B 293 -19.57 13.97 27.14
CA GLU B 293 -20.66 12.99 27.05
C GLU B 293 -20.33 11.89 26.02
N ALA B 294 -19.74 12.30 24.91
CA ALA B 294 -19.29 11.39 23.86
C ALA B 294 -18.27 10.39 24.39
N VAL B 295 -17.30 10.89 25.19
CA VAL B 295 -16.28 10.06 25.86
C VAL B 295 -16.86 9.02 26.83
N LYS B 296 -17.74 9.47 27.72
CA LYS B 296 -18.36 8.60 28.77
C LYS B 296 -19.21 7.51 28.14
N LYS B 297 -20.01 7.88 27.15
CA LYS B 297 -20.85 6.90 26.45
C LYS B 297 -20.01 5.90 25.67
N THR B 298 -18.95 6.38 25.04
CA THR B 298 -18.04 5.47 24.35
C THR B 298 -17.35 4.48 25.29
N ALA B 299 -16.81 4.99 26.41
CA ALA B 299 -16.22 4.16 27.47
C ALA B 299 -17.18 3.08 27.94
N GLU B 300 -18.45 3.43 28.14
CA GLU B 300 -19.51 2.46 28.45
C GLU B 300 -19.73 1.47 27.34
N ASP B 301 -19.79 1.97 26.09
CA ASP B 301 -19.91 1.08 24.91
C ASP B 301 -18.75 0.10 24.86
N LEU B 302 -17.53 0.64 24.91
CA LEU B 302 -16.34 -0.18 24.84
C LEU B 302 -16.13 -1.10 26.05
N ALA B 303 -16.42 -0.60 27.25
CA ALA B 303 -16.34 -1.43 28.47
C ALA B 303 -17.18 -2.71 28.34
N LYS B 304 -18.40 -2.59 27.81
CA LYS B 304 -19.25 -3.76 27.61
C LYS B 304 -18.79 -4.68 26.45
N GLU B 305 -18.30 -4.09 25.35
CA GLU B 305 -17.80 -4.88 24.22
C GLU B 305 -16.49 -5.56 24.58
N LEU B 306 -15.61 -4.82 25.24
CA LEU B 306 -14.31 -5.35 25.64
C LEU B 306 -14.34 -5.87 27.07
N MET C 1 32.40 16.58 3.39
CA MET C 1 30.92 16.39 3.47
C MET C 1 30.44 15.73 2.20
N ARG C 2 29.69 14.65 2.37
CA ARG C 2 29.12 13.91 1.24
C ARG C 2 27.72 14.40 0.85
N ILE C 3 27.61 14.75 -0.43
CA ILE C 3 26.38 15.28 -1.01
C ILE C 3 25.93 14.30 -2.07
N VAL C 4 24.79 13.65 -1.80
CA VAL C 4 24.16 12.73 -2.75
C VAL C 4 23.22 13.54 -3.65
N VAL C 5 23.37 13.39 -4.96
CA VAL C 5 22.40 13.95 -5.92
C VAL C 5 21.69 12.81 -6.58
N THR C 6 20.41 12.61 -6.23
CA THR C 6 19.54 11.67 -6.98
C THR C 6 19.13 12.30 -8.31
N GLY C 7 18.98 11.47 -9.36
CA GLY C 7 18.85 11.97 -10.73
C GLY C 7 20.03 12.84 -11.15
N GLY C 8 21.19 12.59 -10.55
CA GLY C 8 22.42 13.33 -10.89
C GLY C 8 22.98 13.18 -12.30
N ALA C 9 22.40 12.31 -13.12
CA ALA C 9 22.82 12.16 -14.51
C ALA C 9 21.96 12.99 -15.46
N GLY C 10 20.83 13.50 -14.95
CA GLY C 10 19.87 14.18 -15.78
C GLY C 10 20.22 15.63 -15.96
N PHE C 11 19.33 16.34 -16.64
CA PHE C 11 19.53 17.75 -16.95
C PHE C 11 19.96 18.62 -15.75
N ILE C 12 19.08 18.82 -14.76
CA ILE C 12 19.45 19.72 -13.67
C ILE C 12 20.47 19.06 -12.73
N GLY C 13 20.24 17.80 -12.39
CA GLY C 13 21.09 17.06 -11.49
C GLY C 13 22.57 17.09 -11.87
N SER C 14 22.86 16.85 -13.16
CA SER C 14 24.24 16.78 -13.67
C SER C 14 24.96 18.12 -13.59
N HIS C 15 24.28 19.20 -13.95
CA HIS C 15 24.83 20.56 -13.77
C HIS C 15 25.21 20.86 -12.31
N LEU C 16 24.33 20.44 -11.40
CA LEU C 16 24.47 20.56 -9.95
C LEU C 16 25.68 19.70 -9.47
N VAL C 17 25.74 18.45 -9.94
CA VAL C 17 26.88 17.58 -9.65
C VAL C 17 28.24 18.27 -9.99
N ASP C 18 28.35 18.80 -11.22
CA ASP C 18 29.57 19.47 -11.68
C ASP C 18 29.97 20.62 -10.78
N LYS C 19 29.05 21.55 -10.55
CA LYS C 19 29.31 22.70 -9.72
C LYS C 19 29.71 22.31 -8.28
N LEU C 20 29.05 21.29 -7.72
CA LEU C 20 29.38 20.82 -6.37
C LEU C 20 30.78 20.23 -6.30
N VAL C 21 31.16 19.44 -7.29
CA VAL C 21 32.51 18.88 -7.38
C VAL C 21 33.57 20.01 -7.43
N GLU C 22 33.27 21.05 -8.19
CA GLU C 22 34.14 22.22 -8.31
C GLU C 22 34.17 23.07 -7.05
N LEU C 23 33.14 22.94 -6.22
CA LEU C 23 33.09 23.65 -4.93
C LEU C 23 33.86 22.86 -3.86
N GLY C 24 34.17 21.61 -4.17
CA GLY C 24 35.04 20.83 -3.31
C GLY C 24 34.34 19.79 -2.48
N TYR C 25 33.08 19.50 -2.82
CA TYR C 25 32.28 18.53 -2.11
C TYR C 25 32.63 17.15 -2.61
N GLU C 26 32.42 16.13 -1.78
CA GLU C 26 32.49 14.73 -2.19
C GLU C 26 31.08 14.38 -2.67
N VAL C 27 30.92 14.26 -3.99
CA VAL C 27 29.60 14.11 -4.57
C VAL C 27 29.30 12.65 -4.90
N VAL C 28 28.10 12.23 -4.54
CA VAL C 28 27.63 10.86 -4.77
C VAL C 28 26.43 10.92 -5.74
N VAL C 29 26.61 10.35 -6.93
CA VAL C 29 25.58 10.37 -7.95
C VAL C 29 24.76 9.09 -7.89
N VAL C 30 23.45 9.24 -7.83
CA VAL C 30 22.52 8.10 -7.82
C VAL C 30 21.45 8.30 -8.90
N ASP C 31 21.54 7.50 -9.95
CA ASP C 31 20.64 7.61 -11.09
C ASP C 31 20.35 6.22 -11.67
N ILE C 32 19.22 6.09 -12.34
CA ILE C 32 18.85 4.83 -13.01
C ILE C 32 19.67 4.64 -14.32
N VAL C 33 20.10 5.77 -14.87
CA VAL C 33 20.89 5.86 -16.10
C VAL C 33 22.22 6.48 -15.64
N GLN C 34 23.28 6.35 -16.43
CA GLN C 34 24.59 6.90 -16.01
C GLN C 34 25.21 7.90 -16.99
N ARG C 35 26.04 8.79 -16.45
CA ARG C 35 26.89 9.70 -17.24
C ARG C 35 28.20 9.91 -16.47
N ASP C 36 29.32 9.61 -17.12
CA ASP C 36 30.63 9.72 -16.48
C ASP C 36 31.50 10.76 -17.16
N ALA C 41 33.11 12.75 -9.70
CA ALA C 41 33.09 12.01 -8.45
C ALA C 41 32.34 10.66 -8.54
N GLU C 42 31.92 10.15 -7.37
CA GLU C 42 31.36 8.81 -7.22
C GLU C 42 30.01 8.63 -7.89
N LEU C 43 29.73 7.41 -8.37
CA LEU C 43 28.49 7.13 -9.08
C LEU C 43 27.89 5.78 -8.71
N HIS C 44 26.57 5.77 -8.57
CA HIS C 44 25.82 4.54 -8.32
C HIS C 44 24.59 4.51 -9.19
N VAL C 45 24.23 3.32 -9.66
CA VAL C 45 23.05 3.16 -10.50
C VAL C 45 21.97 2.46 -9.70
N ARG C 46 21.01 3.23 -9.22
CA ARG C 46 19.91 2.68 -8.42
C ARG C 46 18.54 3.08 -8.97
N ASP C 47 17.54 2.29 -8.63
CA ASP C 47 16.17 2.61 -8.96
C ASP C 47 15.46 2.99 -7.66
N LEU C 48 15.13 4.27 -7.53
CA LEU C 48 14.58 4.82 -6.29
C LEU C 48 13.13 4.41 -6.04
N LYS C 49 12.50 3.80 -7.04
CA LYS C 49 11.22 3.12 -6.85
C LYS C 49 11.33 1.95 -5.87
N ASP C 50 12.52 1.34 -5.78
CA ASP C 50 12.80 0.29 -4.79
C ASP C 50 13.08 0.90 -3.44
N TYR C 51 12.28 0.52 -2.46
CA TYR C 51 12.47 0.95 -1.08
C TYR C 51 13.95 0.90 -0.59
N SER C 52 14.63 -0.21 -0.93
CA SER C 52 16.02 -0.46 -0.50
C SER C 52 17.05 0.05 -1.52
N TRP C 53 16.72 1.14 -2.22
CA TRP C 53 17.58 1.71 -3.25
C TRP C 53 18.87 2.28 -2.67
N GLY C 54 18.83 2.70 -1.41
CA GLY C 54 19.94 3.41 -0.76
C GLY C 54 20.84 2.56 0.12
N ALA C 55 20.61 1.25 0.08
CA ALA C 55 21.45 0.27 0.77
C ALA C 55 22.89 0.42 0.30
N GLY C 56 23.78 0.75 1.24
CA GLY C 56 25.21 0.92 0.97
C GLY C 56 25.61 2.35 0.65
N ILE C 57 24.61 3.18 0.34
CA ILE C 57 24.82 4.57 -0.05
C ILE C 57 24.70 5.49 1.15
N LYS C 58 25.77 6.24 1.38
CA LYS C 58 25.89 7.09 2.56
C LYS C 58 26.12 8.55 2.18
N GLY C 59 25.47 9.46 2.90
CA GLY C 59 25.60 10.91 2.66
C GLY C 59 25.00 11.74 3.77
N ASP C 60 25.40 13.02 3.81
CA ASP C 60 24.98 13.97 4.86
C ASP C 60 23.85 14.87 4.39
N VAL C 61 23.86 15.15 3.08
CA VAL C 61 22.89 16.03 2.40
C VAL C 61 22.46 15.36 1.09
N VAL C 62 21.16 15.33 0.84
CA VAL C 62 20.64 14.84 -0.44
C VAL C 62 19.94 15.94 -1.22
N PHE C 63 20.33 16.07 -2.48
CA PHE C 63 19.59 16.81 -3.48
C PHE C 63 18.74 15.80 -4.22
N HIS C 64 17.43 15.92 -4.07
CA HIS C 64 16.51 14.95 -4.67
C HIS C 64 15.90 15.45 -5.99
N PHE C 65 16.54 15.07 -7.08
CA PHE C 65 16.22 15.56 -8.44
C PHE C 65 15.80 14.43 -9.40
N ALA C 66 15.75 13.20 -8.89
CA ALA C 66 15.17 12.07 -9.63
C ALA C 66 13.65 12.22 -9.68
N ALA C 67 13.09 12.12 -10.88
CA ALA C 67 11.67 12.24 -11.12
C ALA C 67 11.43 11.97 -12.58
N ASN C 68 10.17 11.75 -12.94
CA ASN C 68 9.75 11.81 -14.32
C ASN C 68 9.25 13.23 -14.55
N PRO C 69 9.99 14.02 -15.34
CA PRO C 69 9.72 15.46 -15.36
C PRO C 69 8.52 15.87 -16.20
N GLU C 70 7.95 14.95 -16.96
CA GLU C 70 6.92 15.29 -17.92
C GLU C 70 5.53 15.52 -17.35
N VAL C 71 5.03 16.75 -17.54
CA VAL C 71 3.73 17.20 -17.03
C VAL C 71 2.54 16.41 -17.65
N ARG C 72 2.76 15.81 -18.81
CA ARG C 72 1.70 15.07 -19.50
C ARG C 72 2.18 13.74 -20.09
N THR C 76 -2.13 10.37 -18.75
CA THR C 76 -0.93 9.65 -19.21
C THR C 76 -0.99 8.18 -18.77
N GLU C 77 0.14 7.63 -18.31
CA GLU C 77 0.21 6.26 -17.77
C GLU C 77 0.58 6.24 -16.27
N PRO C 78 -0.46 6.33 -15.41
CA PRO C 78 -0.47 6.92 -14.07
C PRO C 78 0.36 6.21 -13.00
N ILE C 79 0.37 4.88 -13.04
CA ILE C 79 1.06 4.06 -12.07
C ILE C 79 2.57 4.38 -12.00
N VAL C 80 3.25 4.29 -13.13
CA VAL C 80 4.69 4.54 -13.18
C VAL C 80 5.06 5.98 -12.76
N HIS C 81 4.20 6.95 -13.09
CA HIS C 81 4.41 8.36 -12.71
C HIS C 81 4.24 8.66 -11.23
N PHE C 82 3.26 7.98 -10.59
CA PHE C 82 3.06 8.02 -9.12
C PHE C 82 4.27 7.39 -8.42
N ASN C 83 4.74 6.29 -8.96
CA ASN C 83 5.87 5.57 -8.39
C ASN C 83 7.19 6.34 -8.55
N GLU C 84 7.35 6.99 -9.70
CA GLU C 84 8.54 7.79 -10.00
C GLU C 84 8.59 9.10 -9.19
N ASN C 85 7.43 9.70 -8.95
CA ASN C 85 7.41 11.02 -8.31
C ASN C 85 6.96 11.01 -6.85
N VAL C 86 5.98 10.18 -6.48
CA VAL C 86 5.58 10.11 -5.07
C VAL C 86 6.28 8.97 -4.29
N VAL C 87 6.17 7.73 -4.77
CA VAL C 87 6.82 6.57 -4.10
C VAL C 87 8.32 6.81 -3.95
N ALA C 88 9.00 7.19 -5.05
CA ALA C 88 10.46 7.43 -5.00
C ALA C 88 10.87 8.49 -4.00
N THR C 89 10.08 9.57 -3.93
CA THR C 89 10.33 10.64 -2.97
C THR C 89 10.21 10.10 -1.55
N PHE C 90 9.12 9.37 -1.28
CA PHE C 90 9.03 8.69 0.03
C PHE C 90 10.24 7.73 0.31
N ASN C 91 10.65 6.96 -0.67
CA ASN C 91 11.80 6.07 -0.45
C ASN C 91 13.06 6.86 -0.09
N VAL C 92 13.26 8.01 -0.72
CA VAL C 92 14.40 8.87 -0.41
C VAL C 92 14.38 9.41 1.01
N LEU C 93 13.21 9.89 1.42
CA LEU C 93 13.04 10.46 2.74
C LEU C 93 13.23 9.39 3.82
N GLU C 94 12.84 8.16 3.51
CA GLU C 94 12.97 7.05 4.47
C GLU C 94 14.44 6.68 4.65
N TRP C 95 15.15 6.54 3.53
CA TRP C 95 16.59 6.39 3.49
C TRP C 95 17.25 7.52 4.27
N ALA C 96 16.87 8.76 3.96
CA ALA C 96 17.36 9.91 4.72
C ALA C 96 17.14 9.80 6.24
N ARG C 97 15.94 9.39 6.63
CA ARG C 97 15.65 9.20 8.05
C ARG C 97 16.55 8.13 8.71
N GLN C 98 16.65 6.97 8.05
CA GLN C 98 17.34 5.82 8.64
C GLN C 98 18.89 5.97 8.61
N THR C 99 19.42 6.76 7.68
CA THR C 99 20.89 6.80 7.51
C THR C 99 21.56 8.07 8.03
N GLY C 100 20.84 8.87 8.80
CA GLY C 100 21.44 10.04 9.43
C GLY C 100 21.64 11.27 8.54
N VAL C 101 21.09 11.23 7.33
CA VAL C 101 21.05 12.41 6.44
C VAL C 101 20.42 13.64 7.13
N ARG C 102 21.08 14.78 7.01
CA ARG C 102 20.68 15.98 7.71
C ARG C 102 19.67 16.86 6.93
N THR C 103 19.69 16.78 5.59
CA THR C 103 19.01 17.76 4.75
C THR C 103 18.60 17.19 3.41
N VAL C 104 17.36 17.45 3.02
CA VAL C 104 16.88 17.25 1.66
C VAL C 104 16.65 18.59 0.98
N VAL C 105 17.28 18.78 -0.18
CA VAL C 105 16.92 19.85 -1.07
C VAL C 105 16.04 19.16 -2.07
N PHE C 106 14.75 19.50 -2.01
CA PHE C 106 13.74 18.82 -2.86
C PHE C 106 13.44 19.63 -4.12
N ALA C 107 13.58 19.02 -5.29
CA ALA C 107 13.24 19.67 -6.57
C ALA C 107 11.73 19.61 -6.76
N SER C 108 11.09 20.75 -6.49
CA SER C 108 9.66 20.97 -6.72
C SER C 108 9.42 21.73 -8.03
N SER C 109 8.22 22.29 -8.15
CA SER C 109 7.71 22.78 -9.42
C SER C 109 6.69 23.91 -9.24
N SER C 110 6.68 24.86 -10.17
CA SER C 110 5.68 25.91 -10.19
C SER C 110 4.27 25.34 -10.35
N THR C 111 4.17 24.09 -10.83
CA THR C 111 2.87 23.42 -11.01
C THR C 111 2.06 23.16 -9.72
N VAL C 112 2.73 23.14 -8.57
CA VAL C 112 2.06 22.90 -7.28
C VAL C 112 0.99 23.98 -7.00
N TYR C 113 1.18 25.16 -7.58
CA TYR C 113 0.23 26.27 -7.47
C TYR C 113 -1.02 26.15 -8.33
N GLY C 114 -0.92 25.37 -9.41
CA GLY C 114 -1.94 25.32 -10.46
C GLY C 114 -2.10 26.66 -11.18
N ASP C 115 -3.32 27.01 -11.58
CA ASP C 115 -3.53 28.34 -12.18
C ASP C 115 -3.06 29.56 -11.32
N ALA C 116 -2.52 30.57 -11.99
CA ALA C 116 -2.10 31.81 -11.30
C ALA C 116 -3.30 32.59 -10.77
N ASP C 117 -3.26 32.95 -9.48
CA ASP C 117 -4.10 34.01 -8.93
C ASP C 117 -3.40 35.36 -9.11
N VAL C 118 -2.12 35.40 -8.74
CA VAL C 118 -1.26 36.58 -8.91
C VAL C 118 -0.13 36.23 -9.89
N ILE C 119 0.25 37.19 -10.74
CA ILE C 119 1.46 37.10 -11.57
C ILE C 119 2.31 38.31 -11.23
N PRO C 120 3.52 38.10 -10.66
CA PRO C 120 4.15 36.80 -10.38
C PRO C 120 3.63 36.11 -9.11
N THR C 121 3.75 34.79 -9.05
CA THR C 121 3.23 34.01 -7.93
C THR C 121 4.16 33.93 -6.70
N PRO C 122 3.69 34.37 -5.53
CA PRO C 122 4.53 34.21 -4.35
C PRO C 122 4.35 32.83 -3.70
N GLU C 123 5.27 32.51 -2.80
CA GLU C 123 5.35 31.21 -2.16
C GLU C 123 4.11 30.90 -1.30
N GLU C 124 3.47 31.97 -0.81
CA GLU C 124 2.34 31.86 0.11
C GLU C 124 1.04 31.39 -0.54
N GLU C 125 0.99 31.39 -1.87
CA GLU C 125 -0.16 30.84 -2.57
C GLU C 125 -0.27 29.37 -2.21
N PRO C 126 -1.50 28.88 -1.99
CA PRO C 126 -1.73 27.54 -1.52
C PRO C 126 -1.48 26.52 -2.62
N TYR C 127 -1.42 25.23 -2.24
CA TYR C 127 -1.34 24.15 -3.22
C TYR C 127 -2.66 24.06 -3.94
N LYS C 128 -2.66 24.20 -5.26
CA LYS C 128 -3.88 23.96 -6.05
C LYS C 128 -3.52 23.38 -7.42
N PRO C 129 -2.72 22.26 -7.44
CA PRO C 129 -2.37 21.66 -8.74
C PRO C 129 -3.55 21.13 -9.57
N ILE C 130 -3.42 21.27 -10.88
CA ILE C 130 -4.38 20.75 -11.83
C ILE C 130 -3.74 19.59 -12.63
N SER C 131 -2.48 19.25 -12.38
CA SER C 131 -1.89 18.05 -12.99
C SER C 131 -1.45 17.11 -11.88
N VAL C 132 -1.44 15.84 -12.22
CA VAL C 132 -1.01 14.77 -11.33
C VAL C 132 0.47 15.03 -10.93
N TYR C 133 1.27 15.49 -11.89
CA TYR C 133 2.66 15.88 -11.64
C TYR C 133 2.72 16.95 -10.56
N GLY C 134 1.87 17.99 -10.66
CA GLY C 134 1.75 19.02 -9.61
C GLY C 134 1.37 18.47 -8.26
N ALA C 135 0.43 17.53 -8.24
CA ALA C 135 0.02 16.82 -7.04
C ALA C 135 1.17 16.04 -6.42
N ALA C 136 1.96 15.36 -7.26
CA ALA C 136 3.12 14.61 -6.80
C ALA C 136 4.15 15.51 -6.13
N LYS C 137 4.38 16.68 -6.72
CA LYS C 137 5.36 17.60 -6.16
C LYS C 137 4.86 18.20 -4.87
N ALA C 138 3.56 18.48 -4.82
CA ALA C 138 2.95 19.10 -3.66
C ALA C 138 2.95 18.08 -2.52
N ALA C 139 2.60 16.83 -2.82
CA ALA C 139 2.61 15.73 -1.87
C ALA C 139 4.01 15.48 -1.34
N GLY C 140 5.01 15.58 -2.23
CA GLY C 140 6.44 15.52 -1.83
C GLY C 140 6.89 16.63 -0.93
N GLU C 141 6.49 17.87 -1.24
CA GLU C 141 6.72 18.99 -0.33
C GLU C 141 6.16 18.72 1.07
N VAL C 142 4.91 18.26 1.17
CA VAL C 142 4.26 18.01 2.46
C VAL C 142 4.96 16.90 3.28
N MET C 143 5.31 15.79 2.61
CA MET C 143 6.06 14.70 3.23
C MET C 143 7.48 15.13 3.67
N CYS C 144 8.19 15.82 2.79
CA CYS C 144 9.50 16.38 3.06
C CYS C 144 9.44 17.31 4.29
N ALA C 145 8.45 18.23 4.31
CA ALA C 145 8.21 19.15 5.43
C ALA C 145 7.96 18.45 6.76
N THR C 146 7.17 17.39 6.71
CA THR C 146 6.85 16.58 7.87
C THR C 146 8.05 15.88 8.44
N TYR C 147 8.86 15.25 7.58
CA TYR C 147 10.13 14.65 8.02
C TYR C 147 11.06 15.64 8.68
N ALA C 148 11.06 16.86 8.16
CA ALA C 148 11.74 17.99 8.73
C ALA C 148 11.27 18.24 10.17
N ARG C 149 9.96 18.43 10.34
CA ARG C 149 9.40 18.80 11.61
C ARG C 149 9.54 17.67 12.60
N LEU C 150 9.37 16.44 12.12
CA LEU C 150 9.35 15.27 13.00
C LEU C 150 10.71 14.60 13.30
N PHE C 151 11.50 14.35 12.25
CA PHE C 151 12.77 13.61 12.38
C PHE C 151 14.02 14.48 12.35
N GLY C 152 13.87 15.73 11.94
CA GLY C 152 14.98 16.66 11.89
C GLY C 152 15.67 16.70 10.54
N VAL C 153 15.14 15.95 9.58
CA VAL C 153 15.63 15.96 8.20
C VAL C 153 15.09 17.23 7.53
N ARG C 154 15.83 18.32 7.72
CA ARG C 154 15.43 19.65 7.25
C ARG C 154 15.24 19.64 5.73
N CYS C 155 14.20 20.34 5.27
CA CYS C 155 13.85 20.27 3.87
C CYS C 155 13.74 21.64 3.22
N LEU C 156 14.53 21.83 2.15
CA LEU C 156 14.40 23.01 1.31
C LEU C 156 13.68 22.58 0.02
N ALA C 157 12.48 23.11 -0.19
CA ALA C 157 11.75 22.74 -1.38
C ALA C 157 11.89 23.85 -2.43
N VAL C 158 12.56 23.51 -3.53
CA VAL C 158 12.85 24.48 -4.58
C VAL C 158 11.80 24.38 -5.69
N ARG C 159 10.97 25.41 -5.80
CA ARG C 159 9.90 25.44 -6.79
C ARG C 159 10.41 26.10 -8.05
N TYR C 160 10.94 25.27 -8.93
CA TYR C 160 11.51 25.71 -10.19
C TYR C 160 10.37 25.99 -11.16
N ALA C 161 10.52 27.10 -11.87
CA ALA C 161 9.78 27.34 -13.06
C ALA C 161 10.68 26.71 -14.11
N ASN C 162 10.36 26.80 -15.38
CA ASN C 162 11.13 26.16 -16.42
C ASN C 162 12.60 26.51 -16.40
N VAL C 163 13.43 25.47 -16.40
CA VAL C 163 14.86 25.62 -16.42
C VAL C 163 15.33 25.07 -17.75
N VAL C 164 16.14 25.86 -18.45
CA VAL C 164 16.51 25.54 -19.84
C VAL C 164 18.01 25.61 -20.03
N GLY C 165 18.54 24.72 -20.87
CA GLY C 165 19.95 24.76 -21.25
C GLY C 165 20.40 23.46 -21.87
N PRO C 166 21.71 23.27 -22.03
CA PRO C 166 22.30 22.02 -22.57
C PRO C 166 21.88 20.73 -21.83
N ARG C 167 21.52 19.72 -22.61
CA ARG C 167 21.17 18.39 -22.10
C ARG C 167 19.70 18.22 -21.65
N LEU C 168 18.92 19.30 -21.70
CA LEU C 168 17.46 19.27 -21.52
C LEU C 168 16.77 18.47 -22.62
N ARG C 169 15.96 17.48 -22.20
CA ARG C 169 15.31 16.51 -23.09
C ARG C 169 13.79 16.43 -22.90
N HIS C 170 13.19 17.50 -22.41
CA HIS C 170 11.75 17.57 -22.25
C HIS C 170 11.41 19.03 -22.30
N GLY C 171 10.13 19.34 -22.44
CA GLY C 171 9.68 20.71 -22.46
C GLY C 171 9.42 21.17 -23.88
N VAL C 172 8.90 22.39 -23.98
CA VAL C 172 8.37 22.92 -25.21
C VAL C 172 9.44 23.19 -26.30
N ILE C 173 10.66 23.55 -25.92
CA ILE C 173 11.73 23.85 -26.90
C ILE C 173 12.16 22.54 -27.54
N TYR C 174 12.44 21.56 -26.67
CA TYR C 174 12.79 20.21 -27.10
C TYR C 174 11.73 19.60 -28.01
N ASP C 175 10.46 19.74 -27.62
CA ASP C 175 9.31 19.26 -28.38
C ASP C 175 9.22 19.90 -29.75
N PHE C 176 9.35 21.23 -29.82
CA PHE C 176 9.29 21.93 -31.12
C PHE C 176 10.42 21.50 -32.06
N ILE C 177 11.65 21.43 -31.55
CA ILE C 177 12.81 20.92 -32.30
C ILE C 177 12.61 19.49 -32.83
N MET C 178 12.12 18.60 -31.97
CA MET C 178 11.85 17.21 -32.39
C MET C 178 10.75 17.09 -33.43
N LYS C 179 9.67 17.87 -33.23
CA LYS C 179 8.58 18.00 -34.20
C LYS C 179 9.01 18.55 -35.57
N LEU C 180 9.93 19.51 -35.57
CA LEU C 180 10.40 20.08 -36.85
C LEU C 180 11.38 19.15 -37.55
N ARG C 181 12.05 18.31 -36.77
CA ARG C 181 12.96 17.26 -37.26
C ARG C 181 12.20 16.15 -38.01
N ARG C 182 10.94 15.91 -37.65
CA ARG C 182 10.13 14.89 -38.29
C ARG C 182 9.36 15.45 -39.50
N ASN C 183 8.78 16.64 -39.32
CA ASN C 183 8.13 17.40 -40.39
C ASN C 183 8.51 18.88 -40.31
N PRO C 184 9.34 19.37 -41.25
CA PRO C 184 9.81 20.77 -41.20
C PRO C 184 8.77 21.78 -41.65
N ASN C 185 7.68 21.30 -42.25
CA ASN C 185 6.67 22.15 -42.86
C ASN C 185 5.49 22.49 -41.96
N VAL C 186 5.27 21.67 -40.95
CA VAL C 186 4.14 21.86 -40.03
C VAL C 186 4.55 21.76 -38.55
N LEU C 187 4.24 22.82 -37.82
CA LEU C 187 4.41 22.83 -36.39
C LEU C 187 3.05 23.02 -35.73
N GLU C 188 2.59 21.96 -35.09
CA GLU C 188 1.39 22.03 -34.28
C GLU C 188 1.70 22.55 -32.89
N VAL C 189 0.90 23.53 -32.47
CA VAL C 189 1.04 24.18 -31.18
C VAL C 189 -0.24 23.92 -30.40
N LEU C 190 -0.14 23.26 -29.25
CA LEU C 190 -1.32 22.87 -28.48
C LEU C 190 -1.92 24.06 -27.75
N GLY C 191 -3.24 24.15 -27.77
CA GLY C 191 -3.96 25.20 -27.08
C GLY C 191 -4.24 26.41 -27.95
N ASP C 192 -4.53 27.54 -27.31
CA ASP C 192 -5.00 28.73 -28.04
C ASP C 192 -3.89 29.69 -28.49
N GLY C 193 -2.64 29.43 -28.08
CA GLY C 193 -1.48 30.25 -28.47
C GLY C 193 -1.14 31.39 -27.52
N THR C 194 -2.01 31.62 -26.54
CA THR C 194 -1.90 32.68 -25.54
C THR C 194 -0.91 32.40 -24.39
N GLN C 195 -0.52 31.13 -24.24
CA GLN C 195 0.29 30.70 -23.09
C GLN C 195 1.58 31.50 -22.90
N ARG C 196 1.80 31.96 -21.67
CA ARG C 196 2.99 32.72 -21.32
C ARG C 196 3.65 32.07 -20.11
N LYS C 197 4.91 31.69 -20.27
CA LYS C 197 5.72 31.16 -19.19
C LYS C 197 7.13 31.78 -19.12
N SER C 198 7.75 31.66 -17.93
CA SER C 198 9.15 32.02 -17.70
C SER C 198 10.12 30.88 -18.02
N TYR C 199 11.36 31.25 -18.35
CA TYR C 199 12.42 30.30 -18.68
C TYR C 199 13.74 30.78 -18.11
N LEU C 200 14.34 29.94 -17.26
CA LEU C 200 15.57 30.30 -16.59
C LEU C 200 16.71 29.44 -17.11
N TYR C 201 17.78 30.09 -17.57
CA TYR C 201 18.92 29.33 -18.07
C TYR C 201 19.51 28.52 -16.92
N VAL C 202 19.88 27.28 -17.21
CA VAL C 202 20.32 26.35 -16.19
C VAL C 202 21.43 26.86 -15.26
N ARG C 203 22.34 27.70 -15.77
CA ARG C 203 23.43 28.22 -14.96
C ARG C 203 22.87 29.12 -13.84
N ASP C 204 21.90 29.98 -14.18
CA ASP C 204 21.15 30.76 -13.19
C ASP C 204 20.44 29.90 -12.14
N ALA C 205 19.71 28.88 -12.60
CA ALA C 205 19.00 27.94 -11.72
C ALA C 205 19.93 27.23 -10.73
N VAL C 206 21.09 26.80 -11.22
CA VAL C 206 22.09 26.15 -10.39
C VAL C 206 22.67 27.10 -9.34
N GLU C 207 22.92 28.36 -9.73
CA GLU C 207 23.46 29.34 -8.78
C GLU C 207 22.46 29.68 -7.67
N ALA C 208 21.20 29.86 -8.08
CA ALA C 208 20.08 30.03 -7.13
C ALA C 208 19.99 28.85 -6.13
N THR C 209 20.08 27.61 -6.62
CA THR C 209 19.88 26.42 -5.79
C THR C 209 20.95 26.28 -4.70
N LEU C 210 22.21 26.37 -5.14
CA LEU C 210 23.36 26.25 -4.28
C LEU C 210 23.44 27.43 -3.30
N ALA C 211 23.12 28.63 -3.77
CA ALA C 211 23.06 29.77 -2.86
C ALA C 211 21.94 29.61 -1.82
N ALA C 212 20.76 29.20 -2.26
CA ALA C 212 19.62 29.02 -1.34
C ALA C 212 19.93 27.95 -0.27
N TRP C 213 20.56 26.86 -0.70
CA TRP C 213 20.92 25.74 0.16
C TRP C 213 21.90 26.16 1.25
N LYS C 214 22.93 26.90 0.84
CA LYS C 214 23.92 27.46 1.76
C LYS C 214 23.24 28.31 2.84
N LYS C 215 22.42 29.27 2.41
CA LYS C 215 21.64 30.07 3.33
C LYS C 215 20.70 29.23 4.21
N PHE C 216 20.00 28.26 3.60
CA PHE C 216 19.14 27.34 4.36
C PHE C 216 19.87 26.63 5.50
N GLU C 217 21.14 26.29 5.28
CA GLU C 217 21.95 25.63 6.31
C GLU C 217 22.32 26.53 7.51
N GLU C 218 22.05 27.84 7.40
CA GLU C 218 22.30 28.82 8.45
C GLU C 218 21.01 29.32 9.13
N MET C 219 19.87 28.77 8.71
CA MET C 219 18.56 29.09 9.23
C MET C 219 18.14 28.01 10.19
N ASP C 220 17.09 28.28 10.96
CA ASP C 220 16.52 27.28 11.88
C ASP C 220 15.25 26.60 11.31
N ALA C 221 14.66 27.21 10.28
CA ALA C 221 13.40 26.70 9.69
C ALA C 221 13.52 25.22 9.34
N PRO C 222 12.66 24.38 9.93
CA PRO C 222 12.66 22.97 9.49
C PRO C 222 12.45 22.83 7.99
N PHE C 223 11.53 23.63 7.46
CA PHE C 223 11.10 23.56 6.08
C PHE C 223 11.11 24.94 5.45
N LEU C 224 11.58 25.05 4.23
CA LEU C 224 11.40 26.29 3.48
C LEU C 224 11.04 25.95 2.03
N ALA C 225 10.01 26.64 1.52
CA ALA C 225 9.62 26.59 0.11
C ALA C 225 10.15 27.83 -0.57
N LEU C 226 10.81 27.64 -1.72
CA LEU C 226 11.45 28.78 -2.42
C LEU C 226 11.28 28.71 -3.93
N ASN C 227 10.67 29.73 -4.52
CA ASN C 227 10.58 29.89 -5.97
C ASN C 227 11.95 30.14 -6.59
N VAL C 228 12.22 29.43 -7.69
CA VAL C 228 13.36 29.71 -8.54
C VAL C 228 12.86 29.73 -10.01
N GLY C 229 12.93 30.90 -10.62
CA GLY C 229 12.65 31.07 -12.03
C GLY C 229 13.01 32.48 -12.48
N ASN C 230 12.80 32.73 -13.77
CA ASN C 230 13.04 34.05 -14.33
C ASN C 230 11.98 35.07 -13.95
N VAL C 231 12.28 36.34 -14.19
CA VAL C 231 11.38 37.43 -13.77
C VAL C 231 10.40 37.90 -14.87
N ASP C 232 10.59 37.36 -16.07
CA ASP C 232 9.67 37.65 -17.18
C ASP C 232 9.26 36.36 -17.90
N ALA C 233 8.29 36.51 -18.82
CA ALA C 233 7.65 35.42 -19.53
C ALA C 233 7.65 35.60 -21.07
N VAL C 234 7.67 34.48 -21.79
CA VAL C 234 7.60 34.42 -23.26
C VAL C 234 6.32 33.66 -23.69
N ARG C 235 5.62 34.18 -24.71
CA ARG C 235 4.49 33.48 -25.35
C ARG C 235 4.92 32.21 -26.09
N VAL C 236 4.03 31.19 -26.17
CA VAL C 236 4.35 29.93 -26.88
C VAL C 236 4.66 30.20 -28.33
N LEU C 237 3.89 31.10 -28.92
CA LEU C 237 3.99 31.36 -30.34
C LEU C 237 5.32 32.03 -30.67
N ASP C 238 5.78 32.88 -29.76
CA ASP C 238 7.09 33.50 -29.86
C ASP C 238 8.20 32.47 -29.73
N ILE C 239 8.01 31.48 -28.86
CA ILE C 239 8.92 30.32 -28.75
C ILE C 239 8.96 29.48 -30.02
N ALA C 240 7.80 29.21 -30.60
CA ALA C 240 7.75 28.49 -31.87
C ALA C 240 8.54 29.25 -32.94
N GLN C 241 8.36 30.58 -32.99
CA GLN C 241 9.12 31.46 -33.91
C GLN C 241 10.65 31.48 -33.64
N ILE C 242 11.04 31.66 -32.37
CA ILE C 242 12.44 31.55 -31.97
C ILE C 242 13.06 30.23 -32.42
N VAL C 243 12.37 29.12 -32.14
CA VAL C 243 12.89 27.79 -32.47
C VAL C 243 13.01 27.59 -33.99
N ALA C 244 12.05 28.11 -34.73
CA ALA C 244 12.03 27.96 -36.18
C ALA C 244 13.17 28.73 -36.80
N GLU C 245 13.36 29.95 -36.32
CA GLU C 245 14.41 30.83 -36.82
C GLU C 245 15.81 30.27 -36.51
N VAL C 246 15.97 29.61 -35.36
CA VAL C 246 17.24 28.92 -35.04
C VAL C 246 17.56 27.83 -36.05
N LEU C 247 16.53 27.16 -36.56
CA LEU C 247 16.70 25.98 -37.42
C LEU C 247 16.69 26.37 -38.90
N GLY C 248 16.42 27.65 -39.13
CA GLY C 248 16.33 28.23 -40.47
C GLY C 248 15.07 27.81 -41.20
N LEU C 249 14.01 27.56 -40.44
CA LEU C 249 12.77 26.97 -40.94
C LEU C 249 11.61 27.93 -40.77
N ARG C 250 10.62 27.81 -41.67
CA ARG C 250 9.39 28.58 -41.62
C ARG C 250 8.18 27.66 -41.80
N PRO C 251 7.84 26.88 -40.74
CA PRO C 251 6.75 25.91 -40.87
C PRO C 251 5.40 26.61 -40.79
N GLU C 252 4.37 25.96 -41.29
CA GLU C 252 3.01 26.37 -41.00
C GLU C 252 2.68 26.13 -39.52
N ILE C 253 2.32 27.20 -38.79
CA ILE C 253 1.89 27.06 -37.39
C ILE C 253 0.40 26.72 -37.34
N ARG C 254 0.10 25.51 -36.86
CA ARG C 254 -1.30 25.06 -36.69
C ARG C 254 -1.65 24.92 -35.20
N LEU C 255 -2.48 25.84 -34.71
CA LEU C 255 -3.01 25.76 -33.35
C LEU C 255 -3.94 24.55 -33.21
N VAL C 256 -3.75 23.78 -32.14
CA VAL C 256 -4.60 22.61 -31.87
C VAL C 256 -5.50 22.89 -30.67
N PRO C 257 -6.73 23.28 -30.94
CA PRO C 257 -7.73 23.51 -29.89
C PRO C 257 -8.21 22.21 -29.28
N SER C 258 -8.42 22.21 -27.98
CA SER C 258 -9.09 21.09 -27.35
C SER C 258 -10.25 21.59 -26.51
N THR C 259 -9.94 22.01 -25.30
CA THR C 259 -10.95 22.53 -24.40
C THR C 259 -11.14 24.01 -24.52
N PRO C 260 -12.23 24.45 -23.96
CA PRO C 260 -12.85 25.69 -24.34
C PRO C 260 -12.17 26.81 -23.61
N ASP C 261 -11.46 26.46 -22.56
CA ASP C 261 -10.53 27.37 -21.84
C ASP C 261 -9.25 27.68 -22.62
N GLY C 262 -9.01 26.94 -23.71
CA GLY C 262 -7.83 27.17 -24.55
C GLY C 262 -6.52 26.59 -24.01
N ARG C 263 -6.62 25.64 -23.08
CA ARG C 263 -5.45 24.89 -22.57
C ARG C 263 -5.02 23.92 -23.66
N GLY C 264 -3.74 23.53 -23.64
CA GLY C 264 -3.22 22.58 -24.63
C GLY C 264 -3.57 21.13 -24.38
N TRP C 265 -3.98 20.86 -23.15
CA TRP C 265 -4.29 19.50 -22.67
C TRP C 265 -4.82 19.62 -21.25
N PRO C 266 -5.57 18.61 -20.78
CA PRO C 266 -6.08 18.64 -19.43
C PRO C 266 -4.91 18.73 -18.44
N GLY C 267 -4.90 19.77 -17.62
CA GLY C 267 -3.81 19.95 -16.64
C GLY C 267 -2.78 21.02 -16.98
N ASP C 268 -2.97 21.68 -18.13
CA ASP C 268 -2.03 22.68 -18.61
C ASP C 268 -2.30 24.06 -17.98
N VAL C 269 -1.39 24.52 -17.14
CA VAL C 269 -1.40 25.89 -16.61
C VAL C 269 -0.94 26.79 -17.75
N LYS C 270 -1.77 27.73 -18.18
CA LYS C 270 -1.46 28.53 -19.36
C LYS C 270 -0.53 29.73 -19.07
N TYR C 271 -0.65 30.33 -17.88
CA TYR C 271 0.13 31.51 -17.49
C TYR C 271 0.83 31.27 -16.17
N MET C 272 2.14 31.53 -16.14
CA MET C 272 2.87 31.50 -14.90
C MET C 272 4.14 32.31 -14.96
N THR C 273 4.39 33.03 -13.87
CA THR C 273 5.70 33.55 -13.55
C THR C 273 5.76 33.59 -12.04
N LEU C 274 6.89 33.13 -11.49
CA LEU C 274 7.10 33.11 -10.04
C LEU C 274 7.71 34.41 -9.54
N ALA C 275 7.20 34.89 -8.39
CA ALA C 275 7.86 35.96 -7.68
C ALA C 275 9.10 35.36 -7.03
N VAL C 276 10.25 35.97 -7.28
CA VAL C 276 11.54 35.50 -6.76
C VAL C 276 12.20 36.50 -5.78
N THR C 277 11.36 37.40 -5.24
CA THR C 277 11.67 38.33 -4.13
C THR C 277 12.36 37.70 -2.92
N LYS C 278 11.78 36.61 -2.44
CA LYS C 278 12.26 35.86 -1.27
C LYS C 278 13.66 35.28 -1.54
N LEU C 279 13.82 34.60 -2.67
CA LEU C 279 15.13 34.16 -3.15
C LEU C 279 16.17 35.29 -3.23
N MET C 280 15.79 36.40 -3.87
CA MET C 280 16.67 37.55 -4.03
C MET C 280 17.08 38.22 -2.71
N LYS C 281 16.15 38.31 -1.76
CA LYS C 281 16.48 38.83 -0.43
C LYS C 281 17.37 37.87 0.33
N LEU C 282 17.09 36.59 0.21
CA LEU C 282 17.80 35.59 0.98
C LEU C 282 19.26 35.48 0.54
N THR C 283 19.51 35.62 -0.77
CA THR C 283 20.80 35.24 -1.36
C THR C 283 21.54 36.30 -2.20
N GLY C 284 20.85 37.33 -2.69
CA GLY C 284 21.47 38.30 -3.60
C GLY C 284 21.54 37.86 -5.07
N TRP C 285 21.06 36.66 -5.34
CA TRP C 285 20.98 36.10 -6.69
C TRP C 285 20.21 37.01 -7.66
N ARG C 286 20.64 37.03 -8.91
CA ARG C 286 19.86 37.63 -10.01
C ARG C 286 19.93 36.75 -11.25
N PRO C 287 18.92 36.81 -12.13
CA PRO C 287 19.08 36.14 -13.43
C PRO C 287 20.15 36.82 -14.27
N THR C 288 20.82 36.06 -15.13
CA THR C 288 21.76 36.69 -16.06
C THR C 288 21.17 36.86 -17.47
N MET C 289 20.13 36.09 -17.81
CA MET C 289 19.40 36.22 -19.08
C MET C 289 17.91 36.39 -18.88
N THR C 290 17.27 37.12 -19.80
CA THR C 290 15.83 37.17 -19.86
C THR C 290 15.28 35.80 -20.31
N SER C 291 13.97 35.60 -20.16
CA SER C 291 13.34 34.38 -20.65
C SER C 291 13.55 34.25 -22.16
N ALA C 292 13.37 35.35 -22.91
CA ALA C 292 13.57 35.31 -24.37
C ALA C 292 14.97 34.83 -24.74
N GLU C 293 15.97 35.35 -24.03
CA GLU C 293 17.37 34.98 -24.26
C GLU C 293 17.66 33.53 -23.91
N ALA C 294 17.07 33.08 -22.80
CA ALA C 294 17.28 31.72 -22.31
C ALA C 294 16.70 30.69 -23.28
N VAL C 295 15.52 31.01 -23.84
CA VAL C 295 14.87 30.22 -24.88
C VAL C 295 15.72 30.11 -26.16
N LYS C 296 16.08 31.27 -26.73
CA LYS C 296 16.96 31.28 -27.91
C LYS C 296 18.23 30.47 -27.68
N LYS C 297 18.92 30.76 -26.57
CA LYS C 297 20.18 30.08 -26.25
C LYS C 297 20.01 28.55 -26.19
N THR C 298 18.97 28.11 -25.48
CA THR C 298 18.64 26.69 -25.34
C THR C 298 18.27 26.00 -26.68
N ALA C 299 17.47 26.70 -27.49
CA ALA C 299 17.16 26.28 -28.86
C ALA C 299 18.44 26.04 -29.64
N GLU C 300 19.34 27.02 -29.62
CA GLU C 300 20.66 26.88 -30.25
C GLU C 300 21.45 25.70 -29.68
N ASP C 301 21.42 25.57 -28.35
CA ASP C 301 22.07 24.44 -27.69
C ASP C 301 21.53 23.10 -28.16
N LEU C 302 20.21 22.90 -28.10
CA LEU C 302 19.59 21.62 -28.47
C LEU C 302 19.57 21.35 -29.98
N ALA C 303 19.47 22.42 -30.79
CA ALA C 303 19.60 22.26 -32.24
C ALA C 303 20.95 21.60 -32.56
N LYS C 304 22.03 22.19 -32.04
CA LYS C 304 23.36 21.60 -32.21
C LYS C 304 23.35 20.18 -31.70
N GLU C 305 22.78 19.99 -30.52
CA GLU C 305 22.86 18.73 -29.77
C GLU C 305 22.07 17.61 -30.42
N LEU C 306 20.88 17.93 -30.91
CA LEU C 306 19.98 16.91 -31.46
C LEU C 306 20.11 16.72 -32.97
N1 GDU D . -2.28 -36.48 16.27
C2 GDU D . -2.16 -36.44 17.66
N3 GDU D . -2.16 -35.21 18.34
C4 GDU D . -2.30 -34.01 17.61
C5 GDU D . -2.45 -34.04 16.21
C6 GDU D . -2.43 -35.26 15.54
O2 GDU D . -2.02 -37.49 18.28
O4 GDU D . -2.31 -32.94 18.23
C1D GDU D . -2.29 -37.85 15.63
C2D GDU D . -3.52 -38.01 14.70
O2D GDU D . -4.44 -38.93 15.29
C3D GDU D . -2.97 -38.56 13.37
C4D GDU D . -1.45 -38.37 13.47
O4D GDU D . -1.10 -38.16 14.86
O3D GDU D . -3.26 -39.94 13.21
C5D GDU D . -1.09 -37.15 12.65
O5D GDU D . -1.04 -37.55 11.28
PA GDU D . -0.78 -36.48 10.11
O1A GDU D . -1.28 -37.09 8.87
O2A GDU D . 0.61 -36.02 10.19
O3A GDU D . -1.67 -35.21 10.60
PB GDU D . -3.19 -35.04 10.15
O1B GDU D . -3.68 -33.85 10.88
O2B GDU D . -3.85 -36.35 10.32
O3B GDU D . -2.98 -34.71 8.55
C1' GDU D . -3.93 -34.93 7.46
C2' GDU D . -3.41 -35.80 6.27
C3' GDU D . -2.48 -35.08 5.27
C4' GDU D . -2.82 -33.60 5.04
C5' GDU D . -3.19 -32.93 6.37
C6' GDU D . -3.47 -31.43 6.20
O2' GDU D . -2.71 -36.96 6.75
O3' GDU D . -2.50 -35.77 4.01
O4' GDU D . -3.88 -33.48 4.07
O5' GDU D . -4.33 -33.63 6.94
O6' GDU D . -3.73 -30.87 7.49
PA NAD E . -1.83 -23.37 4.72
O1A NAD E . -0.46 -22.97 5.17
O2A NAD E . -2.99 -23.05 5.57
O5B NAD E . -2.07 -22.68 3.27
C5B NAD E . -3.34 -22.37 2.74
C4B NAD E . -3.44 -20.90 2.37
O4B NAD E . -4.79 -20.74 1.80
C3B NAD E . -3.40 -20.03 3.62
O3B NAD E . -2.39 -19.00 3.47
C2B NAD E . -4.84 -19.45 3.68
O2B NAD E . -4.86 -18.10 4.10
C1B NAD E . -5.30 -19.50 2.23
N9A NAD E . -6.82 -19.45 2.11
C8A NAD E . -7.69 -20.20 2.82
N7A NAD E . -8.94 -19.89 2.46
C5A NAD E . -8.87 -18.99 1.50
C6A NAD E . -9.83 -18.31 0.75
N6A NAD E . -11.12 -18.55 0.93
N1A NAD E . -9.42 -17.40 -0.16
C2A NAD E . -8.13 -17.15 -0.33
N3A NAD E . -7.20 -17.77 0.37
C4A NAD E . -7.52 -18.69 1.28
O3 NAD E . -1.89 -24.94 4.37
PN NAD E . -0.81 -25.78 3.59
O1N NAD E . -0.32 -26.83 4.52
O2N NAD E . 0.13 -24.86 2.93
O5D NAD E . -1.57 -26.57 2.44
C5D NAD E . -2.04 -25.85 1.25
C4D NAD E . -2.71 -26.79 0.24
O4D NAD E . -2.01 -28.06 0.26
C3D NAD E . -4.15 -27.05 0.72
O3D NAD E . -5.02 -27.32 -0.40
C2D NAD E . -3.95 -28.30 1.54
O2D NAD E . -5.22 -28.94 1.77
C1D NAD E . -3.01 -29.07 0.58
N1N NAD E . -2.28 -30.17 1.24
C2N NAD E . -1.27 -29.90 2.20
C3N NAD E . -0.61 -30.95 2.82
C7N NAD E . 0.47 -30.69 3.87
O7N NAD E . 1.00 -31.64 4.43
N7N NAD E . 0.74 -29.42 4.15
C4N NAD E . -0.95 -32.27 2.53
C5N NAD E . -1.97 -32.53 1.60
C6N NAD E . -2.62 -31.49 0.96
N1 GDU F . -2.72 9.68 25.03
C2 GDU F . -2.14 9.27 26.23
N3 GDU F . -2.01 7.94 26.52
C4 GDU F . -2.44 6.96 25.62
C5 GDU F . -3.05 7.33 24.40
C6 GDU F . -3.19 8.70 24.08
O2 GDU F . -1.77 10.14 27.01
O4 GDU F . -2.30 5.79 25.96
C1D GDU F . -2.77 11.16 24.88
C2D GDU F . -1.99 11.70 23.66
O2D GDU F . -0.99 12.61 24.14
C3D GDU F . -3.02 12.45 22.84
C4D GDU F . -4.34 12.40 23.64
O4D GDU F . -4.12 11.67 24.84
O3D GDU F . -2.67 13.81 22.71
C5D GDU F . -5.29 11.53 22.88
O5D GDU F . -5.27 11.95 21.57
PA GDU F . -6.55 11.91 20.68
O1A GDU F . -6.55 13.07 19.75
O2A GDU F . -7.74 11.68 21.57
O3A GDU F . -6.27 10.51 19.91
PB GDU F . -4.93 10.07 19.15
O1B GDU F . -4.95 8.62 19.31
O2B GDU F . -3.77 10.80 19.67
O3B GDU F . -5.31 10.43 17.55
C1' GDU F . -5.13 11.59 16.64
C2' GDU F . -6.26 12.64 16.27
C3' GDU F . -7.40 12.21 15.30
C4' GDU F . -7.20 10.90 14.50
C5' GDU F . -5.98 10.10 15.02
C6' GDU F . -5.51 8.95 14.13
O2' GDU F . -6.86 13.20 17.44
O3' GDU F . -7.67 13.29 14.39
O4' GDU F . -7.10 11.18 13.10
O5' GDU F . -4.87 11.00 15.34
O6' GDU F . -5.32 7.78 14.94
PA NAD G . -10.85 1.34 11.46
O1A NAD G . -11.91 0.86 12.36
O2A NAD G . -9.54 0.67 11.47
O5B NAD G . -11.39 1.22 9.93
C5B NAD G . -10.49 1.03 8.83
C4B NAD G . -11.00 -0.04 7.93
O4B NAD G . -10.17 -0.07 6.72
C3B NAD G . -10.83 -1.41 8.63
O3B NAD G . -12.03 -2.17 8.50
C2B NAD G . -9.67 -2.03 7.86
O2B NAD G . -9.74 -3.46 7.82
C1B NAD G . -9.81 -1.41 6.46
N9A NAD G . -8.53 -1.41 5.69
C8A NAD G . -7.31 -1.05 6.14
N7A NAD G . -6.43 -1.20 5.14
C5A NAD G . -7.08 -1.65 4.05
C6A NAD G . -6.71 -1.99 2.75
N6A NAD G . -5.46 -1.88 2.37
N1A NAD G . -7.65 -2.42 1.89
C2A NAD G . -8.93 -2.53 2.26
N3A NAD G . -9.31 -2.20 3.50
C4A NAD G . -8.42 -1.79 4.41
O3 NAD G . -10.63 2.92 11.63
PN NAD G . -11.72 4.11 11.63
O1N NAD G . -11.55 4.81 12.92
O2N NAD G . -13.07 3.61 11.24
O5D NAD G . -11.24 5.08 10.50
C5D NAD G . -11.81 5.04 9.19
C4D NAD G . -11.31 6.25 8.37
O4D NAD G . -11.61 7.48 9.06
C3D NAD G . -9.78 6.17 8.23
O3D NAD G . -9.40 6.75 6.97
C2D NAD G . -9.31 7.06 9.38
O2D NAD G . -8.01 7.57 9.11
C1D NAD G . -10.35 8.18 9.34
N1N NAD G . -10.44 8.93 10.61
C2N NAD G . -10.96 8.32 11.80
C3N NAD G . -11.03 9.07 12.98
C7N NAD G . -11.57 8.45 14.30
O7N NAD G . -11.54 9.08 15.35
N7N NAD G . -12.04 7.20 14.20
C4N NAD G . -10.58 10.41 12.98
C5N NAD G . -10.06 11.00 11.84
C6N NAD G . -10.01 10.28 10.65
N1 GDU H . 3.10 23.44 -25.43
C2 GDU H . 2.61 23.33 -26.72
N3 GDU H . 3.01 22.33 -27.56
C4 GDU H . 3.93 21.37 -27.10
C5 GDU H . 4.44 21.43 -25.78
C6 GDU H . 4.01 22.46 -24.94
O2 GDU H . 1.83 24.17 -27.14
O4 GDU H . 4.27 20.49 -27.89
C1D GDU H . 2.54 24.59 -24.61
C2D GDU H . 2.00 24.07 -23.26
O2D GDU H . 0.58 23.99 -23.38
C3D GDU H . 2.39 25.11 -22.22
C4D GDU H . 3.48 25.95 -22.91
O4D GDU H . 3.48 25.65 -24.31
O3D GDU H . 1.29 25.94 -21.81
C5D GDU H . 4.78 25.41 -22.36
O5D GDU H . 4.69 25.49 -20.97
PA GDU H . 5.94 25.25 -20.07
O1A GDU H . 5.59 25.51 -18.67
O2A GDU H . 7.06 26.01 -20.68
O3A GDU H . 6.31 23.70 -20.39
PB GDU H . 5.55 22.35 -19.89
O1B GDU H . 6.33 21.25 -20.49
O2B GDU H . 4.12 22.46 -20.21
O3B GDU H . 6.04 22.34 -18.23
C1' GDU H . 5.45 22.67 -16.89
C2' GDU H . 6.06 23.82 -16.00
C3' GDU H . 7.38 23.55 -15.21
C4' GDU H . 7.93 22.10 -15.27
C5' GDU H . 7.06 21.21 -16.17
C6' GDU H . 7.32 19.70 -16.10
O2' GDU H . 6.32 25.00 -16.73
O3' GDU H . 7.16 23.95 -13.86
O4' GDU H . 8.04 21.57 -13.95
O5' GDU H . 5.66 21.54 -16.01
O6' GDU H . 6.96 19.11 -17.34
PA NAD I . 15.70 14.86 -16.21
O1A NAD I . 16.72 15.52 -17.08
O2A NAD I . 14.85 13.78 -16.73
O5B NAD I . 16.43 14.39 -14.92
C5B NAD I . 15.80 13.44 -14.01
C4B NAD I . 16.75 12.30 -13.66
O4B NAD I . 16.13 11.40 -12.76
C3B NAD I . 17.10 11.48 -14.92
O3B NAD I . 18.53 11.42 -15.03
C2B NAD I . 16.54 10.12 -14.63
O2B NAD I . 17.34 9.11 -15.24
C1B NAD I . 16.57 10.09 -13.11
N9A NAD I . 15.56 9.15 -12.58
C8A NAD I . 14.28 9.09 -12.95
N7A NAD I . 13.69 8.08 -12.28
C5A NAD I . 14.61 7.53 -11.49
C6A NAD I . 14.56 6.46 -10.58
N6A NAD I . 13.40 5.82 -10.39
N1A NAD I . 15.68 6.09 -9.92
C2A NAD I . 16.81 6.77 -10.12
N3A NAD I . 16.89 7.79 -10.99
C4A NAD I . 15.80 8.18 -11.68
O3 NAD I . 14.76 15.97 -15.66
PN NAD I . 15.24 17.38 -15.18
O1N NAD I . 14.66 18.32 -16.13
O2N NAD I . 16.69 17.43 -14.86
O5D NAD I . 14.44 17.46 -13.77
C5D NAD I . 15.06 17.19 -12.48
C4D NAD I . 14.17 17.65 -11.32
O4D NAD I . 13.78 19.08 -11.35
C3D NAD I . 12.87 16.84 -11.43
O3D NAD I . 12.38 16.50 -10.13
C2D NAD I . 11.95 17.85 -12.12
O2D NAD I . 10.59 17.48 -11.91
C1D NAD I . 12.32 19.12 -11.39
N1N NAD I . 11.93 20.30 -12.17
C2N NAD I . 12.53 20.56 -13.42
C3N NAD I . 12.14 21.70 -14.15
C7N NAD I . 12.77 21.97 -15.53
O7N NAD I . 12.34 22.90 -16.21
N7N NAD I . 13.74 21.11 -15.92
C4N NAD I . 11.15 22.55 -13.66
C5N NAD I . 10.54 22.30 -12.43
C6N NAD I . 10.93 21.17 -11.69
#